data_6EJK
#
_entry.id   6EJK
#
_cell.length_a   60.870
_cell.length_b   126.910
_cell.length_c   71.090
_cell.angle_alpha   90.00
_cell.angle_beta   90.27
_cell.angle_gamma   90.00
#
_symmetry.space_group_name_H-M   'P 1 21 1'
#
loop_
_entity.id
_entity.type
_entity.pdbx_description
1 polymer 'WlaC protein'
2 branched 2-acetamido-2-deoxy-alpha-D-galactopyranose-(1-4)-2-acetamido-2-deoxy-alpha-D-galactopyranose-(1-3)-2-acetamido-2-deoxy-alpha-D-glucopyranose
3 non-polymer Uridine-Diphosphate-Methylene-N-acetyl-galactosamine
4 non-polymer 'NerylNeryl pyrophosphate'
#
_entity_poly.entity_id   1
_entity_poly.type   'polypeptide(L)'
_entity_poly.pdbx_seq_one_letter_code
;(MSE)(MSE)(MSE)KISFIIATLNSGGAERVLVTLANALCKEHEVSIIKFHTGESFYKLENEVKVTSLEQFRFDTLYHK
IASRFKKFFALRKALKESKADVFISFLDTTNIACILANIGLKTPLIISEHSNEAYLKPKTWRFLRRVSYPFCDALSVLGS
SDKVYYERFVKRVKLLLNPCHFSDEIPFDSSFEKENLVLFIGRLDHNKNPV(MSE)FLKAIAHLDKNLQENYKFVIAGDG
ELRQELEYKVKSLGIKVDFLGRVENVKALYEKAKVLCLCSFVEGLPTVLIESLYFEVCRISSSYYNGAKDLIKDNHDGLL
VGCDDEIALAKKLELVLNDENFRKELVNNAKQRCKDFEISNIKEEWLKLIVEVKNALGSHHHHHHHHHH
;
_entity_poly.pdbx_strand_id   A,B
#
loop_
_chem_comp.id
_chem_comp.type
_chem_comp.name
_chem_comp.formula
A2G D-saccharide, alpha linking 2-acetamido-2-deoxy-alpha-D-galactopyranose 'C8 H15 N O6'
BUE non-polymer 'NerylNeryl pyrophosphate' 'C20 H36 O7 P2'
NDG D-saccharide, alpha linking 2-acetamido-2-deoxy-alpha-D-glucopyranose 'C8 H15 N O6'
UDN non-polymer Uridine-Diphosphate-Methylene-N-acetyl-galactosamine 'C18 H29 N3 O16 P2'
#
# COMPACT_ATOMS: atom_id res chain seq x y z
N MSE A 1 -21.17 -5.73 32.16
CA MSE A 1 -21.03 -4.29 31.89
C MSE A 1 -20.60 -3.97 30.45
O MSE A 1 -21.09 -4.59 29.50
CB MSE A 1 -20.03 -3.68 32.86
CG MSE A 1 -20.58 -2.42 33.49
SE MSE A 1 -19.35 -1.49 34.68
CE MSE A 1 -17.72 -1.64 33.56
N MSE A 2 -19.71 -2.98 30.29
CA MSE A 2 -19.15 -2.68 28.96
C MSE A 2 -17.78 -1.98 29.02
O MSE A 2 -17.46 -1.29 29.99
CB MSE A 2 -20.10 -1.81 28.15
CG MSE A 2 -19.67 -1.55 26.69
SE MSE A 2 -21.06 -0.69 25.52
CE MSE A 2 -19.82 0.33 24.39
N MSE A 3 -16.97 -2.20 27.98
CA MSE A 3 -15.67 -1.53 27.85
C MSE A 3 -15.33 -1.18 26.43
O MSE A 3 -15.76 -1.82 25.47
CB MSE A 3 -14.55 -2.39 28.43
CG MSE A 3 -14.44 -2.32 29.94
SE MSE A 3 -14.01 -4.09 30.68
CE MSE A 3 -15.27 -4.15 32.21
N LYS A 4 -14.54 -0.13 26.30
CA LYS A 4 -13.91 0.21 25.05
C LYS A 4 -12.59 -0.55 25.03
N ILE A 5 -12.47 -1.51 24.12
CA ILE A 5 -11.22 -2.18 23.88
C ILE A 5 -10.62 -1.57 22.61
N SER A 6 -9.35 -1.17 22.66
CA SER A 6 -8.62 -0.75 21.47
C SER A 6 -7.51 -1.74 21.17
N PHE A 7 -7.54 -2.30 19.97
CA PHE A 7 -6.49 -3.16 19.46
C PHE A 7 -5.56 -2.33 18.60
N ILE A 8 -4.25 -2.49 18.80
CA ILE A 8 -3.26 -1.72 18.09
C ILE A 8 -2.35 -2.69 17.37
N ILE A 9 -2.37 -2.69 16.05
CA ILE A 9 -1.50 -3.61 15.32
C ILE A 9 -0.85 -2.90 14.15
N ALA A 10 0.20 -3.51 13.62
CA ALA A 10 0.88 -2.89 12.50
C ALA A 10 -0.01 -2.96 11.28
N THR A 11 -0.19 -4.13 10.68
CA THR A 11 -1.06 -4.27 9.52
C THR A 11 -2.16 -5.27 9.84
N LEU A 12 -3.09 -5.40 8.90
CA LEU A 12 -4.11 -6.43 9.00
C LEU A 12 -4.04 -7.37 7.80
N ASN A 13 -2.83 -7.84 7.48
CA ASN A 13 -2.64 -8.68 6.32
C ASN A 13 -2.48 -10.16 6.69
N SER A 14 -2.55 -11.00 5.66
CA SER A 14 -2.78 -12.44 5.81
C SER A 14 -1.80 -13.13 6.76
N GLY A 15 -1.94 -12.87 8.06
CA GLY A 15 -1.03 -13.39 9.06
C GLY A 15 -1.72 -14.17 10.17
N GLY A 16 -0.90 -14.57 11.13
CA GLY A 16 -1.36 -15.37 12.25
C GLY A 16 -1.82 -14.52 13.40
N ALA A 17 -1.12 -13.43 13.66
CA ALA A 17 -1.57 -12.50 14.70
C ALA A 17 -2.85 -11.82 14.27
N GLU A 18 -2.87 -11.32 13.05
CA GLU A 18 -4.07 -10.68 12.54
C GLU A 18 -5.23 -11.64 12.56
N ARG A 19 -4.95 -12.94 12.43
CA ARG A 19 -6.02 -13.95 12.50
C ARG A 19 -6.59 -14.03 13.92
N VAL A 20 -5.73 -13.95 14.95
CA VAL A 20 -6.20 -13.98 16.31
C VAL A 20 -6.96 -12.71 16.65
N LEU A 21 -6.31 -11.57 16.44
CA LEU A 21 -6.93 -10.28 16.72
C LEU A 21 -8.36 -10.24 16.22
N VAL A 22 -8.57 -10.58 14.95
CA VAL A 22 -9.91 -10.46 14.40
C VAL A 22 -10.87 -11.45 15.04
N THR A 23 -10.41 -12.65 15.41
CA THR A 23 -11.27 -13.59 16.12
C THR A 23 -11.75 -13.01 17.44
N LEU A 24 -10.81 -12.48 18.24
CA LEU A 24 -11.17 -11.81 19.49
C LEU A 24 -12.09 -10.63 19.21
N ALA A 25 -11.57 -9.63 18.50
CA ALA A 25 -12.33 -8.46 18.11
C ALA A 25 -13.73 -8.85 17.67
N ASN A 26 -13.86 -9.76 16.70
CA ASN A 26 -15.18 -10.20 16.25
C ASN A 26 -16.04 -10.74 17.38
N ALA A 27 -15.40 -11.27 18.43
CA ALA A 27 -16.14 -11.88 19.51
C ALA A 27 -16.43 -10.89 20.62
N LEU A 28 -15.41 -10.18 21.12
CA LEU A 28 -15.64 -9.08 22.05
C LEU A 28 -16.56 -8.03 21.45
N CYS A 29 -16.51 -7.87 20.14
CA CYS A 29 -17.27 -6.85 19.44
C CYS A 29 -18.71 -6.76 19.88
N LYS A 30 -19.36 -7.90 20.13
CA LYS A 30 -20.81 -7.91 20.32
C LYS A 30 -21.20 -7.37 21.69
N GLU A 31 -20.48 -7.77 22.73
CA GLU A 31 -20.78 -7.30 24.08
C GLU A 31 -20.18 -5.91 24.32
N HIS A 32 -18.96 -5.69 23.85
CA HIS A 32 -18.23 -4.50 24.19
C HIS A 32 -18.18 -3.59 22.96
N GLU A 33 -17.17 -2.75 22.90
CA GLU A 33 -16.96 -1.89 21.76
C GLU A 33 -15.48 -1.86 21.50
N VAL A 34 -15.12 -2.11 20.27
CA VAL A 34 -13.80 -2.57 19.94
C VAL A 34 -13.29 -1.66 18.83
N SER A 35 -12.41 -0.75 19.17
CA SER A 35 -11.61 -0.07 18.17
C SER A 35 -10.40 -0.92 17.78
N ILE A 36 -9.99 -0.81 16.52
CA ILE A 36 -8.67 -1.27 16.12
C ILE A 36 -7.91 -0.07 15.59
N ILE A 37 -6.65 0.03 15.99
CA ILE A 37 -5.73 1.03 15.48
C ILE A 37 -4.65 0.28 14.73
N LYS A 38 -4.54 0.50 13.44
CA LYS A 38 -3.52 -0.20 12.72
C LYS A 38 -2.63 0.79 12.03
N PHE A 39 -1.35 0.47 11.91
CA PHE A 39 -0.42 1.41 11.32
C PHE A 39 -0.60 1.47 9.80
N HIS A 40 -0.03 0.51 9.08
CA HIS A 40 -0.09 0.53 7.62
C HIS A 40 -1.52 0.48 7.11
N THR A 41 -1.92 1.57 6.46
CA THR A 41 -3.22 1.71 5.82
C THR A 41 -3.47 0.56 4.86
N GLY A 42 -4.73 0.40 4.45
CA GLY A 42 -5.16 -0.73 3.66
C GLY A 42 -6.38 -1.36 4.29
N GLU A 43 -6.84 -2.45 3.67
CA GLU A 43 -7.97 -3.16 4.24
C GLU A 43 -7.50 -4.38 5.02
N SER A 44 -8.46 -5.04 5.67
CA SER A 44 -8.18 -6.25 6.41
C SER A 44 -8.39 -7.47 5.55
N PHE A 45 -7.46 -8.42 5.66
CA PHE A 45 -7.57 -9.68 4.95
C PHE A 45 -8.68 -10.55 5.51
N TYR A 46 -9.13 -10.29 6.73
CA TYR A 46 -10.06 -11.19 7.40
C TYR A 46 -11.38 -10.49 7.63
N LYS A 47 -12.49 -11.16 7.31
CA LYS A 47 -13.79 -10.54 7.47
C LYS A 47 -13.88 -10.03 8.88
N LEU A 48 -14.04 -8.71 8.98
CA LEU A 48 -14.08 -7.99 10.23
C LEU A 48 -15.52 -7.57 10.48
N GLU A 49 -15.96 -7.80 11.72
CA GLU A 49 -17.31 -7.46 12.12
C GLU A 49 -17.58 -5.99 11.84
N ASN A 50 -18.84 -5.66 11.61
CA ASN A 50 -19.16 -4.28 11.24
C ASN A 50 -19.02 -3.32 12.41
N GLU A 51 -19.29 -3.76 13.62
CA GLU A 51 -19.21 -2.82 14.70
C GLU A 51 -17.78 -2.48 15.07
N VAL A 52 -16.79 -3.20 14.57
CA VAL A 52 -15.41 -2.94 14.98
C VAL A 52 -14.98 -1.60 14.37
N LYS A 53 -14.80 -0.58 15.21
CA LYS A 53 -14.29 0.70 14.72
C LYS A 53 -12.81 0.55 14.40
N VAL A 54 -12.44 0.79 13.14
CA VAL A 54 -11.06 0.62 12.69
C VAL A 54 -10.52 1.97 12.24
N THR A 55 -9.34 2.33 12.74
CA THR A 55 -8.71 3.60 12.44
C THR A 55 -7.25 3.32 12.09
N SER A 56 -6.80 3.83 10.94
CA SER A 56 -5.42 3.66 10.49
C SER A 56 -4.65 4.94 10.72
N LEU A 57 -3.40 4.78 11.15
CA LEU A 57 -2.49 5.91 11.20
C LEU A 57 -2.16 6.35 9.78
N GLU A 58 -1.53 7.51 9.70
CA GLU A 58 -1.26 8.08 8.39
C GLU A 58 -0.31 7.22 7.57
N GLN A 59 -0.24 7.54 6.29
CA GLN A 59 0.84 7.09 5.44
C GLN A 59 1.97 8.08 5.63
N PHE A 60 3.20 7.59 5.78
CA PHE A 60 4.33 8.50 5.94
C PHE A 60 5.39 8.20 4.91
N ARG A 61 6.17 9.22 4.60
CA ARG A 61 7.18 9.11 3.56
C ARG A 61 8.48 8.67 4.19
N PHE A 62 9.09 7.66 3.59
CA PHE A 62 10.39 7.16 3.99
C PHE A 62 11.38 7.27 2.84
N ASP A 63 11.19 8.26 1.97
CA ASP A 63 12.23 8.69 1.04
C ASP A 63 12.83 9.99 1.55
N THR A 64 14.14 10.14 1.34
CA THR A 64 15.04 11.17 1.90
C THR A 64 15.49 10.76 3.29
N LEU A 65 16.79 10.95 3.59
CA LEU A 65 17.30 10.70 4.92
C LEU A 65 16.56 11.50 5.99
N TYR A 66 16.08 12.69 5.64
CA TYR A 66 15.29 13.46 6.58
C TYR A 66 14.01 12.72 6.95
N HIS A 67 13.11 12.57 5.98
CA HIS A 67 11.85 11.86 6.16
C HIS A 67 12.04 10.44 6.70
N LYS A 68 13.27 9.89 6.56
CA LYS A 68 13.55 8.56 7.11
C LYS A 68 13.57 8.58 8.64
N ILE A 69 14.09 9.66 9.23
CA ILE A 69 14.12 9.80 10.68
C ILE A 69 12.90 10.56 11.18
N ALA A 70 12.47 11.57 10.44
CA ALA A 70 11.32 12.37 10.84
C ALA A 70 10.07 11.52 10.97
N SER A 71 9.88 10.58 10.05
CA SER A 71 8.63 9.83 10.03
C SER A 71 8.51 8.85 11.19
N ARG A 72 9.48 8.82 12.09
CA ARG A 72 9.30 8.04 13.31
C ARG A 72 8.75 8.90 14.43
N PHE A 73 9.21 10.14 14.56
CA PHE A 73 8.60 11.02 15.54
C PHE A 73 7.18 11.35 15.14
N LYS A 74 6.96 11.61 13.84
CA LYS A 74 5.62 11.85 13.33
C LYS A 74 4.73 10.63 13.58
N LYS A 75 5.22 9.42 13.27
CA LYS A 75 4.47 8.20 13.54
C LYS A 75 4.18 8.08 15.02
N PHE A 76 5.21 8.23 15.84
CA PHE A 76 5.05 8.06 17.27
C PHE A 76 3.99 9.01 17.83
N PHE A 77 4.06 10.29 17.47
CA PHE A 77 3.10 11.24 18.01
C PHE A 77 1.75 11.06 17.36
N ALA A 78 1.72 10.67 16.09
CA ALA A 78 0.46 10.26 15.51
C ALA A 78 -0.12 9.08 16.27
N LEU A 79 0.73 8.20 16.79
CA LEU A 79 0.25 7.08 17.59
C LEU A 79 -0.25 7.55 18.94
N ARG A 80 0.57 8.30 19.67
CA ARG A 80 0.13 8.84 20.96
C ARG A 80 -1.18 9.57 20.80
N LYS A 81 -1.37 10.22 19.67
CA LYS A 81 -2.60 10.97 19.43
C LYS A 81 -3.79 10.04 19.33
N ALA A 82 -3.71 9.01 18.48
CA ALA A 82 -4.83 8.10 18.34
C ALA A 82 -5.18 7.46 19.67
N LEU A 83 -4.16 7.01 20.41
CA LEU A 83 -4.38 6.41 21.71
C LEU A 83 -5.17 7.34 22.63
N LYS A 84 -4.77 8.61 22.71
CA LYS A 84 -5.53 9.55 23.53
C LYS A 84 -6.97 9.62 23.05
N GLU A 85 -7.16 9.85 21.75
CA GLU A 85 -8.49 10.00 21.17
C GLU A 85 -9.24 8.70 20.98
N SER A 86 -8.79 7.58 21.56
CA SER A 86 -9.66 6.42 21.60
C SER A 86 -10.42 6.31 22.91
N LYS A 87 -9.93 6.96 23.94
CA LYS A 87 -10.58 6.96 25.24
C LYS A 87 -11.07 5.58 25.60
N ALA A 88 -10.22 4.61 25.33
CA ALA A 88 -10.53 3.21 25.57
C ALA A 88 -10.27 2.85 27.02
N ASP A 89 -11.08 1.92 27.54
CA ASP A 89 -10.85 1.42 28.88
C ASP A 89 -9.56 0.63 28.96
N VAL A 90 -9.08 0.10 27.83
CA VAL A 90 -7.89 -0.74 27.83
C VAL A 90 -7.32 -0.73 26.43
N PHE A 91 -5.99 -0.84 26.35
CA PHE A 91 -5.28 -1.02 25.10
C PHE A 91 -4.70 -2.41 25.09
N ILE A 92 -4.92 -3.15 24.02
CA ILE A 92 -4.21 -4.38 23.77
C ILE A 92 -3.44 -4.22 22.48
N SER A 93 -2.14 -4.49 22.51
CA SER A 93 -1.34 -4.34 21.31
C SER A 93 -0.62 -5.65 20.95
N PHE A 94 -0.16 -5.76 19.70
CA PHE A 94 0.20 -7.05 19.14
C PHE A 94 1.58 -6.98 18.52
N LEU A 95 2.49 -7.82 19.04
CA LEU A 95 3.82 -8.05 18.47
C LEU A 95 4.86 -7.01 18.91
N ASP A 96 6.12 -7.47 19.02
CA ASP A 96 7.18 -6.77 19.74
C ASP A 96 7.36 -5.33 19.25
N THR A 97 7.58 -5.14 17.95
CA THR A 97 7.78 -3.79 17.45
C THR A 97 6.60 -2.88 17.79
N THR A 98 5.38 -3.32 17.45
CA THR A 98 4.18 -2.58 17.85
C THR A 98 4.07 -2.45 19.38
N ASN A 99 4.51 -3.48 20.12
CA ASN A 99 4.39 -3.44 21.58
C ASN A 99 5.29 -2.39 22.19
N ILE A 100 6.55 -2.32 21.74
CA ILE A 100 7.48 -1.35 22.30
C ILE A 100 7.05 0.07 21.92
N ALA A 101 6.71 0.28 20.64
CA ALA A 101 6.06 1.51 20.22
C ALA A 101 4.93 1.94 21.16
N CYS A 102 3.94 1.06 21.39
CA CYS A 102 2.80 1.42 22.24
C CYS A 102 3.22 1.77 23.67
N ILE A 103 4.17 1.03 24.25
CA ILE A 103 4.59 1.36 25.61
C ILE A 103 5.11 2.78 25.68
N LEU A 104 5.99 3.16 24.74
CA LEU A 104 6.49 4.53 24.69
C LEU A 104 5.36 5.54 24.48
N ALA A 105 4.56 5.34 23.43
CA ALA A 105 3.51 6.29 23.10
C ALA A 105 2.50 6.42 24.23
N ASN A 106 2.25 5.34 24.96
CA ASN A 106 1.29 5.40 26.04
C ASN A 106 1.83 6.09 27.30
N ILE A 107 3.15 6.31 27.41
CA ILE A 107 3.71 7.03 28.55
C ILE A 107 2.94 8.32 28.73
N GLY A 108 2.12 8.39 29.78
CA GLY A 108 1.32 9.59 29.99
C GLY A 108 -0.12 9.28 30.27
N LEU A 109 -0.81 8.76 29.25
CA LEU A 109 -2.21 8.35 29.39
C LEU A 109 -2.39 7.42 30.58
N LYS A 110 -3.59 7.45 31.17
CA LYS A 110 -3.87 6.59 32.33
C LYS A 110 -4.72 5.39 31.93
N THR A 111 -4.40 4.76 30.80
CA THR A 111 -5.15 3.58 30.36
C THR A 111 -4.25 2.35 30.29
N PRO A 112 -4.78 1.17 30.55
CA PRO A 112 -3.95 -0.04 30.64
C PRO A 112 -3.55 -0.61 29.29
N LEU A 113 -2.29 -1.04 29.21
CA LEU A 113 -1.70 -1.63 28.02
C LEU A 113 -1.44 -3.11 28.28
N ILE A 114 -1.84 -3.98 27.35
CA ILE A 114 -1.79 -5.43 27.60
C ILE A 114 -0.60 -6.09 26.91
N ILE A 115 -0.41 -5.83 25.63
CA ILE A 115 0.69 -6.38 24.84
C ILE A 115 0.83 -7.88 24.85
N SER A 116 1.21 -8.47 23.71
CA SER A 116 1.25 -9.92 23.63
C SER A 116 2.38 -10.38 22.74
N GLU A 117 3.20 -11.27 23.26
CA GLU A 117 4.16 -11.93 22.40
C GLU A 117 3.40 -13.03 21.72
N HIS A 118 3.68 -13.18 20.43
CA HIS A 118 2.98 -14.07 19.51
C HIS A 118 3.98 -14.88 18.71
N SER A 119 4.99 -15.39 19.40
CA SER A 119 6.11 -16.11 18.82
C SER A 119 7.08 -16.38 19.94
N ASN A 120 7.82 -17.48 19.81
CA ASN A 120 8.86 -17.80 20.76
C ASN A 120 9.77 -16.60 21.03
N GLU A 121 10.25 -16.50 22.27
CA GLU A 121 11.10 -15.40 22.70
C GLU A 121 12.38 -15.31 21.88
N ALA A 122 12.82 -16.44 21.33
CA ALA A 122 14.07 -16.47 20.59
C ALA A 122 13.93 -15.97 19.16
N TYR A 123 12.71 -15.82 18.62
CA TYR A 123 12.56 -15.30 17.25
C TYR A 123 13.18 -13.92 17.10
N LEU A 124 12.90 -13.00 18.04
CA LEU A 124 13.47 -11.67 17.96
C LEU A 124 15.00 -11.84 17.94
N LYS A 125 15.58 -11.81 16.75
CA LYS A 125 16.99 -12.12 16.65
C LYS A 125 17.93 -10.95 16.99
N PRO A 126 17.74 -9.74 16.46
CA PRO A 126 18.75 -8.68 16.64
C PRO A 126 19.02 -8.35 18.11
N LYS A 127 20.08 -7.57 18.31
CA LYS A 127 20.60 -7.26 19.64
C LYS A 127 19.96 -6.01 20.26
N THR A 128 19.65 -5.01 19.44
CA THR A 128 19.03 -3.80 19.95
C THR A 128 17.60 -4.05 20.41
N TRP A 129 16.78 -4.69 19.56
CA TRP A 129 15.39 -4.89 19.94
C TRP A 129 15.28 -5.88 21.08
N ARG A 130 16.14 -6.90 21.10
CA ARG A 130 16.10 -7.85 22.20
C ARG A 130 16.42 -7.16 23.52
N PHE A 131 17.11 -6.03 23.42
CA PHE A 131 17.45 -5.16 24.53
C PHE A 131 16.34 -4.16 24.85
N LEU A 132 15.78 -3.49 23.83
CA LEU A 132 14.66 -2.55 24.05
C LEU A 132 13.43 -3.25 24.59
N ARG A 133 13.23 -4.50 24.20
CA ARG A 133 12.17 -5.30 24.79
C ARG A 133 12.46 -5.59 26.25
N ARG A 134 13.73 -5.72 26.62
CA ARG A 134 14.05 -6.00 28.01
C ARG A 134 13.84 -4.79 28.89
N VAL A 135 14.07 -3.60 28.34
CA VAL A 135 13.91 -2.39 29.16
C VAL A 135 12.45 -1.95 29.17
N SER A 136 11.71 -2.16 28.06
CA SER A 136 10.38 -1.56 27.97
C SER A 136 9.26 -2.48 28.44
N TYR A 137 9.36 -3.79 28.17
CA TYR A 137 8.31 -4.73 28.55
C TYR A 137 7.95 -4.78 30.04
N PRO A 138 8.83 -4.50 31.01
CA PRO A 138 8.35 -4.49 32.41
C PRO A 138 7.43 -3.32 32.76
N PHE A 139 7.23 -2.37 31.83
CA PHE A 139 6.40 -1.18 32.05
C PHE A 139 4.96 -1.33 31.54
N CYS A 140 4.66 -2.39 30.81
CA CYS A 140 3.28 -2.69 30.47
C CYS A 140 2.51 -3.14 31.71
N ASP A 141 1.23 -3.43 31.53
CA ASP A 141 0.39 -3.81 32.66
C ASP A 141 0.14 -5.30 32.76
N ALA A 142 0.07 -5.99 31.63
CA ALA A 142 0.00 -7.44 31.58
C ALA A 142 0.83 -7.89 30.39
N LEU A 143 0.85 -9.18 30.11
CA LEU A 143 1.58 -9.64 28.92
C LEU A 143 1.00 -11.00 28.55
N SER A 144 0.41 -11.06 27.35
CA SER A 144 -0.11 -12.29 26.79
C SER A 144 1.12 -13.03 26.25
N VAL A 145 1.14 -14.35 26.40
CA VAL A 145 2.30 -15.10 25.98
C VAL A 145 1.78 -16.49 25.69
N LEU A 146 2.26 -17.07 24.57
CA LEU A 146 1.69 -18.32 24.06
C LEU A 146 2.32 -19.56 24.67
N GLY A 147 3.60 -19.80 24.40
CA GLY A 147 4.27 -20.97 24.95
C GLY A 147 4.66 -20.81 26.41
N SER A 148 4.69 -21.93 27.14
CA SER A 148 5.08 -21.88 28.54
C SER A 148 6.53 -21.42 28.70
N SER A 149 7.43 -21.94 27.86
CA SER A 149 8.83 -21.51 27.94
C SER A 149 8.98 -20.02 27.81
N ASP A 150 8.02 -19.33 27.21
CA ASP A 150 8.04 -17.88 27.14
C ASP A 150 7.56 -17.21 28.41
N LYS A 151 6.60 -17.82 29.09
CA LYS A 151 6.20 -17.32 30.39
C LYS A 151 7.37 -17.42 31.36
N VAL A 152 8.06 -18.56 31.39
CA VAL A 152 9.24 -18.68 32.24
C VAL A 152 10.30 -17.67 31.84
N TYR A 153 10.35 -17.28 30.56
CA TYR A 153 11.35 -16.31 30.13
C TYR A 153 10.94 -14.90 30.48
N TYR A 154 9.66 -14.58 30.30
CA TYR A 154 9.18 -13.21 30.51
C TYR A 154 8.86 -12.92 31.96
N GLU A 155 8.53 -13.93 32.76
CA GLU A 155 8.30 -13.73 34.18
C GLU A 155 9.52 -13.20 34.90
N ARG A 156 10.71 -13.43 34.35
CA ARG A 156 11.93 -12.93 35.01
C ARG A 156 11.92 -11.42 35.14
N PHE A 157 11.31 -10.70 34.19
CA PHE A 157 11.41 -9.24 34.21
C PHE A 157 10.09 -8.51 33.97
N VAL A 158 8.96 -9.22 33.88
CA VAL A 158 7.64 -8.61 33.79
C VAL A 158 6.79 -9.17 34.91
N LYS A 159 6.03 -8.30 35.60
CA LYS A 159 5.36 -8.73 36.83
C LYS A 159 4.07 -9.50 36.55
N ARG A 160 3.36 -9.17 35.49
CA ARG A 160 2.10 -9.83 35.18
C ARG A 160 2.20 -10.37 33.75
N VAL A 161 2.39 -11.69 33.63
CA VAL A 161 2.37 -12.40 32.36
C VAL A 161 1.32 -13.50 32.46
N LYS A 162 0.55 -13.67 31.39
CA LYS A 162 -0.50 -14.67 31.34
C LYS A 162 -0.32 -15.53 30.10
N LEU A 163 -0.71 -16.78 30.22
CA LEU A 163 -0.66 -17.72 29.11
C LEU A 163 -2.07 -17.86 28.55
N LEU A 164 -2.31 -17.21 27.43
CA LEU A 164 -3.56 -17.31 26.72
C LEU A 164 -3.31 -18.08 25.43
N LEU A 165 -4.16 -19.05 25.15
CA LEU A 165 -4.01 -19.81 23.93
C LEU A 165 -4.54 -19.01 22.75
N ASN A 166 -4.42 -19.55 21.64
CA ASN A 166 -5.08 -18.80 20.58
C ASN A 166 -6.52 -19.27 20.36
N PRO A 167 -7.38 -18.40 19.88
CA PRO A 167 -8.75 -18.83 19.64
C PRO A 167 -8.94 -19.16 18.18
N CYS A 168 -9.39 -20.37 17.88
CA CYS A 168 -9.65 -20.75 16.51
C CYS A 168 -11.05 -20.28 16.13
N HIS A 169 -11.15 -19.39 15.14
CA HIS A 169 -12.47 -18.93 14.75
C HIS A 169 -13.33 -20.04 14.20
N PHE A 170 -12.70 -21.10 13.66
CA PHE A 170 -13.50 -22.22 13.19
C PHE A 170 -14.28 -22.89 14.31
N SER A 171 -13.92 -22.64 15.57
CA SER A 171 -14.50 -23.41 16.66
C SER A 171 -16.01 -23.23 16.73
N ASP A 172 -16.51 -22.02 16.44
CA ASP A 172 -17.95 -21.82 16.44
C ASP A 172 -18.55 -22.33 15.13
N GLU A 173 -17.99 -21.93 14.01
CA GLU A 173 -18.46 -22.38 12.70
C GLU A 173 -18.61 -23.90 12.54
N ILE A 174 -17.52 -24.64 12.50
CA ILE A 174 -17.52 -26.07 12.13
C ILE A 174 -18.05 -26.98 13.24
N PRO A 175 -19.18 -27.66 13.01
CA PRO A 175 -19.69 -28.56 14.06
C PRO A 175 -18.68 -29.65 14.38
N PHE A 176 -18.51 -29.91 15.67
CA PHE A 176 -17.77 -31.08 16.09
C PHE A 176 -18.42 -32.34 15.54
N ASP A 177 -17.60 -33.33 15.18
CA ASP A 177 -18.07 -34.55 14.55
C ASP A 177 -18.84 -34.23 13.27
N SER A 178 -18.09 -33.90 12.21
CA SER A 178 -18.63 -33.71 10.87
C SER A 178 -18.02 -34.73 9.92
N SER A 179 -18.86 -35.32 9.08
CA SER A 179 -18.33 -36.16 8.00
C SER A 179 -17.50 -35.31 7.06
N PHE A 180 -16.30 -35.79 6.77
CA PHE A 180 -15.43 -35.16 5.78
C PHE A 180 -15.12 -36.22 4.74
N GLU A 181 -15.55 -35.98 3.50
CA GLU A 181 -15.21 -36.83 2.37
C GLU A 181 -13.98 -36.21 1.73
N LYS A 182 -12.83 -36.79 2.03
CA LYS A 182 -11.60 -36.10 1.71
C LYS A 182 -11.12 -36.47 0.31
N GLU A 183 -10.11 -35.74 -0.15
CA GLU A 183 -9.50 -35.92 -1.47
C GLU A 183 -7.99 -35.94 -1.30
N ASN A 184 -7.32 -36.60 -2.26
CA ASN A 184 -5.87 -36.79 -2.24
C ASN A 184 -5.16 -35.45 -2.38
N LEU A 185 -5.10 -34.76 -1.26
CA LEU A 185 -4.65 -33.39 -1.22
C LEU A 185 -3.79 -33.24 0.02
N VAL A 186 -2.59 -32.75 -0.19
CA VAL A 186 -1.69 -32.40 0.89
C VAL A 186 -1.55 -30.89 0.89
N LEU A 187 -1.62 -30.29 2.08
CA LEU A 187 -1.71 -28.86 2.23
C LEU A 187 -0.41 -28.33 2.83
N PHE A 188 0.09 -27.22 2.27
CA PHE A 188 1.09 -26.42 2.95
C PHE A 188 0.58 -25.00 2.96
N ILE A 189 0.29 -24.51 4.15
CA ILE A 189 -0.30 -23.20 4.34
C ILE A 189 0.64 -22.37 5.18
N GLY A 190 1.05 -21.24 4.67
CA GLY A 190 1.92 -20.36 5.43
C GLY A 190 2.71 -19.45 4.52
N ARG A 191 3.28 -18.43 5.15
CA ARG A 191 4.13 -17.47 4.46
C ARG A 191 5.27 -18.21 3.78
N LEU A 192 5.66 -17.74 2.60
CA LEU A 192 6.77 -18.38 1.90
C LEU A 192 8.04 -17.57 2.16
N ASP A 193 8.47 -17.59 3.42
CA ASP A 193 9.76 -17.01 3.82
C ASP A 193 10.67 -18.10 4.35
N HIS A 194 11.90 -17.71 4.72
CA HIS A 194 12.93 -18.70 4.99
C HIS A 194 12.59 -19.54 6.21
N ASN A 195 12.04 -18.95 7.26
CA ASN A 195 11.77 -19.73 8.45
C ASN A 195 10.64 -20.71 8.22
N LYS A 196 9.56 -20.28 7.58
CA LYS A 196 8.44 -21.19 7.33
C LYS A 196 8.88 -22.40 6.53
N ASN A 197 9.99 -22.26 5.84
CA ASN A 197 10.76 -23.34 5.25
C ASN A 197 9.99 -24.16 4.22
N PRO A 198 9.36 -23.54 3.23
CA PRO A 198 8.59 -24.32 2.28
C PRO A 198 9.44 -25.23 1.39
N VAL A 199 10.76 -25.01 1.30
CA VAL A 199 11.56 -25.82 0.38
C VAL A 199 11.60 -27.28 0.81
N MSE A 200 11.64 -27.54 2.12
CA MSE A 200 11.62 -28.89 2.69
C MSE A 200 10.33 -29.64 2.32
O MSE A 200 10.30 -30.86 2.22
CB MSE A 200 11.77 -28.82 4.21
CG MSE A 200 11.50 -30.14 4.95
SE MSE A 200 11.01 -29.99 6.91
CE MSE A 200 10.74 -31.90 7.36
N PHE A 201 9.26 -28.90 2.10
CA PHE A 201 8.02 -29.50 1.60
C PHE A 201 8.23 -30.06 0.21
N LEU A 202 8.84 -29.26 -0.68
CA LEU A 202 9.09 -29.71 -2.05
C LEU A 202 10.02 -30.91 -2.08
N LYS A 203 11.24 -30.73 -1.56
CA LYS A 203 12.20 -31.82 -1.41
C LYS A 203 11.52 -33.10 -0.98
N ALA A 204 10.57 -33.02 -0.04
CA ALA A 204 9.93 -34.24 0.48
C ALA A 204 8.88 -34.81 -0.46
N ILE A 205 8.15 -33.98 -1.19
CA ILE A 205 7.24 -34.50 -2.21
C ILE A 205 8.04 -35.16 -3.32
N ALA A 206 9.26 -34.69 -3.56
CA ALA A 206 10.15 -35.35 -4.51
C ALA A 206 10.38 -36.81 -4.14
N HIS A 207 10.55 -37.10 -2.85
CA HIS A 207 10.98 -38.42 -2.41
C HIS A 207 9.84 -39.40 -2.19
N LEU A 208 8.62 -39.05 -2.58
CA LEU A 208 7.45 -39.90 -2.39
C LEU A 208 7.25 -40.89 -3.54
N ASP A 209 6.61 -42.02 -3.23
CA ASP A 209 6.28 -43.04 -4.24
C ASP A 209 5.65 -42.41 -5.48
N LYS A 210 6.06 -42.90 -6.65
CA LYS A 210 5.39 -42.47 -7.88
C LYS A 210 3.90 -42.80 -7.82
N ASN A 211 3.55 -43.93 -7.20
CA ASN A 211 2.17 -44.30 -6.88
C ASN A 211 1.46 -43.08 -6.31
N LEU A 212 1.81 -42.72 -5.06
CA LEU A 212 1.23 -41.55 -4.39
C LEU A 212 1.37 -40.31 -5.26
N GLN A 213 2.62 -39.92 -5.54
CA GLN A 213 2.89 -38.62 -6.15
C GLN A 213 2.07 -38.36 -7.41
N GLU A 214 1.69 -39.40 -8.14
CA GLU A 214 0.92 -39.23 -9.38
C GLU A 214 -0.59 -39.16 -9.15
N ASN A 215 -1.08 -39.54 -7.98
CA ASN A 215 -2.50 -39.50 -7.65
C ASN A 215 -2.87 -38.49 -6.59
N TYR A 216 -1.91 -37.76 -6.04
CA TYR A 216 -2.17 -36.75 -5.03
C TYR A 216 -1.92 -35.36 -5.58
N LYS A 217 -2.69 -34.41 -5.06
CA LYS A 217 -2.57 -33.00 -5.42
C LYS A 217 -1.88 -32.27 -4.27
N PHE A 218 -0.84 -31.52 -4.61
CA PHE A 218 -0.06 -30.81 -3.60
C PHE A 218 -0.23 -29.32 -3.83
N VAL A 219 -0.32 -28.57 -2.73
CA VAL A 219 -0.82 -27.21 -2.82
C VAL A 219 -0.11 -26.35 -1.78
N ILE A 220 0.46 -25.23 -2.24
CA ILE A 220 1.05 -24.27 -1.32
C ILE A 220 0.24 -22.98 -1.28
N ALA A 221 -0.67 -22.87 -0.34
CA ALA A 221 -1.36 -21.61 -0.13
C ALA A 221 -0.44 -20.64 0.61
N GLY A 222 -0.36 -19.41 0.13
CA GLY A 222 0.49 -18.45 0.80
C GLY A 222 1.48 -17.82 -0.15
N ASP A 223 1.92 -16.61 0.22
CA ASP A 223 2.94 -15.93 -0.58
C ASP A 223 4.02 -15.39 0.35
N GLY A 224 5.23 -15.25 -0.21
CA GLY A 224 6.35 -14.68 0.54
C GLY A 224 7.39 -14.16 -0.42
N GLU A 225 8.62 -14.01 0.07
CA GLU A 225 9.71 -13.63 -0.83
C GLU A 225 10.28 -14.83 -1.57
N LEU A 226 9.93 -16.04 -1.15
CA LEU A 226 10.43 -17.25 -1.78
C LEU A 226 9.52 -17.74 -2.89
N ARG A 227 8.39 -17.07 -3.14
CA ARG A 227 7.43 -17.56 -4.11
C ARG A 227 8.05 -17.72 -5.50
N GLN A 228 9.04 -16.90 -5.86
CA GLN A 228 9.66 -17.07 -7.17
C GLN A 228 10.60 -18.26 -7.21
N GLU A 229 11.65 -18.23 -6.38
CA GLU A 229 12.64 -19.31 -6.34
C GLU A 229 12.02 -20.65 -6.01
N LEU A 230 10.92 -20.67 -5.25
CA LEU A 230 10.25 -21.95 -5.00
C LEU A 230 9.75 -22.58 -6.28
N GLU A 231 9.21 -21.75 -7.19
CA GLU A 231 8.74 -22.27 -8.47
C GLU A 231 9.89 -22.76 -9.33
N TYR A 232 11.06 -22.12 -9.21
CA TYR A 232 12.23 -22.58 -9.94
C TYR A 232 12.65 -23.96 -9.43
N LYS A 233 12.82 -24.09 -8.11
CA LYS A 233 13.21 -25.38 -7.56
C LYS A 233 12.17 -26.46 -7.80
N VAL A 234 10.90 -26.07 -7.93
CA VAL A 234 9.85 -27.02 -8.32
C VAL A 234 10.13 -27.58 -9.71
N LYS A 235 10.74 -26.79 -10.58
CA LYS A 235 11.15 -27.35 -11.86
C LYS A 235 12.44 -28.14 -11.71
N SER A 236 13.39 -27.58 -10.95
CA SER A 236 14.69 -28.23 -10.72
C SER A 236 14.53 -29.65 -10.24
N LEU A 237 13.62 -29.87 -9.28
CA LEU A 237 13.24 -31.21 -8.82
C LEU A 237 12.17 -31.85 -9.68
N GLY A 238 11.34 -31.05 -10.37
CA GLY A 238 10.30 -31.58 -11.23
C GLY A 238 9.16 -32.34 -10.58
N ILE A 239 8.28 -31.62 -9.86
CA ILE A 239 7.06 -32.13 -9.24
C ILE A 239 5.91 -31.18 -9.61
N LYS A 240 4.69 -31.56 -9.22
CA LYS A 240 3.48 -30.79 -9.54
C LYS A 240 2.83 -30.25 -8.27
N VAL A 241 3.26 -29.06 -7.84
CA VAL A 241 2.74 -28.37 -6.65
C VAL A 241 2.06 -27.10 -7.12
N ASP A 242 0.84 -26.85 -6.65
CA ASP A 242 0.03 -25.74 -7.17
C ASP A 242 0.10 -24.57 -6.20
N PHE A 243 0.92 -23.58 -6.55
CA PHE A 243 1.01 -22.35 -5.76
C PHE A 243 -0.26 -21.54 -5.96
N LEU A 244 -0.93 -21.26 -4.87
CA LEU A 244 -2.12 -20.43 -4.93
C LEU A 244 -1.88 -19.04 -4.35
N GLY A 245 -1.17 -18.95 -3.24
CA GLY A 245 -0.71 -17.67 -2.75
C GLY A 245 -1.81 -16.79 -2.22
N ARG A 246 -1.85 -16.63 -0.90
CA ARG A 246 -2.81 -15.83 -0.14
C ARG A 246 -4.24 -16.11 -0.59
N VAL A 247 -4.80 -17.21 -0.13
CA VAL A 247 -6.15 -17.58 -0.48
C VAL A 247 -7.02 -17.33 0.75
N GLU A 248 -8.00 -16.43 0.61
CA GLU A 248 -8.82 -16.00 1.74
C GLU A 248 -9.75 -17.09 2.22
N ASN A 249 -10.04 -18.08 1.37
CA ASN A 249 -10.93 -19.19 1.69
C ASN A 249 -10.11 -20.46 1.91
N VAL A 250 -9.39 -20.52 3.04
CA VAL A 250 -8.67 -21.75 3.39
C VAL A 250 -9.62 -22.80 3.93
N LYS A 251 -10.82 -22.40 4.34
CA LYS A 251 -11.82 -23.38 4.71
C LYS A 251 -12.06 -24.36 3.58
N ALA A 252 -12.00 -23.91 2.33
CA ALA A 252 -12.28 -24.85 1.24
C ALA A 252 -11.19 -25.91 1.10
N LEU A 253 -9.91 -25.53 1.26
CA LEU A 253 -8.83 -26.51 1.21
C LEU A 253 -8.81 -27.36 2.46
N TYR A 254 -9.07 -26.77 3.60
CA TYR A 254 -9.01 -27.47 4.83
C TYR A 254 -9.93 -28.63 4.89
N GLU A 255 -10.97 -28.63 4.10
CA GLU A 255 -11.88 -29.76 4.12
C GLU A 255 -11.32 -30.87 3.24
N LYS A 256 -11.29 -30.62 1.93
CA LYS A 256 -10.89 -31.65 0.98
C LYS A 256 -9.56 -32.28 1.35
N ALA A 257 -8.69 -31.54 2.03
CA ALA A 257 -7.32 -31.97 2.28
C ALA A 257 -7.25 -33.09 3.31
N LYS A 258 -6.32 -34.00 3.10
CA LYS A 258 -6.15 -35.12 4.02
C LYS A 258 -5.06 -34.88 5.05
N VAL A 259 -4.06 -34.08 4.72
CA VAL A 259 -2.81 -34.00 5.47
C VAL A 259 -2.31 -32.56 5.39
N LEU A 260 -1.65 -32.10 6.44
CA LEU A 260 -1.09 -30.76 6.38
C LEU A 260 0.28 -30.76 7.02
N CYS A 261 1.25 -30.16 6.35
CA CYS A 261 2.63 -30.24 6.75
C CYS A 261 3.14 -28.87 7.10
N LEU A 262 3.85 -28.77 8.21
CA LEU A 262 4.43 -27.53 8.69
C LEU A 262 5.93 -27.77 8.90
N CYS A 263 6.75 -26.87 8.40
CA CYS A 263 8.18 -27.18 8.29
C CYS A 263 9.06 -26.18 9.03
N SER A 264 8.48 -25.24 9.77
CA SER A 264 9.19 -24.09 10.33
C SER A 264 10.20 -24.45 11.42
N PHE A 265 11.22 -23.60 11.55
CA PHE A 265 12.30 -23.85 12.49
C PHE A 265 11.95 -23.49 13.91
N VAL A 266 11.33 -22.34 14.09
CA VAL A 266 10.83 -21.90 15.38
C VAL A 266 9.42 -21.38 15.19
N GLU A 267 8.53 -21.69 16.14
CA GLU A 267 7.19 -21.11 16.14
C GLU A 267 6.72 -20.95 17.59
N GLY A 268 5.62 -20.23 17.74
CA GLY A 268 4.93 -20.17 19.02
C GLY A 268 3.81 -21.20 19.08
N LEU A 269 2.64 -20.81 18.59
CA LEU A 269 1.48 -21.70 18.52
C LEU A 269 0.81 -21.53 17.15
N PRO A 270 1.36 -22.17 16.11
CA PRO A 270 0.88 -21.90 14.74
C PRO A 270 -0.59 -22.24 14.61
N THR A 271 -1.35 -21.32 14.02
CA THR A 271 -2.76 -21.62 13.96
C THR A 271 -3.07 -22.66 12.90
N VAL A 272 -2.22 -22.82 11.89
CA VAL A 272 -2.45 -23.88 10.91
C VAL A 272 -2.51 -25.24 11.60
N LEU A 273 -1.72 -25.44 12.65
CA LEU A 273 -1.78 -26.64 13.46
C LEU A 273 -3.01 -26.67 14.38
N ILE A 274 -3.68 -25.54 14.56
CA ILE A 274 -4.88 -25.50 15.38
C ILE A 274 -6.14 -25.65 14.53
N GLU A 275 -6.17 -24.98 13.39
CA GLU A 275 -7.34 -25.06 12.54
C GLU A 275 -7.60 -26.49 12.06
N SER A 276 -6.55 -27.24 11.75
CA SER A 276 -6.72 -28.61 11.24
C SER A 276 -7.51 -29.48 12.18
N LEU A 277 -7.43 -29.20 13.49
CA LEU A 277 -8.16 -29.96 14.48
C LEU A 277 -9.63 -30.01 14.15
N TYR A 278 -10.12 -29.03 13.42
CA TYR A 278 -11.54 -28.88 13.14
C TYR A 278 -11.94 -29.47 11.81
N PHE A 279 -11.04 -30.10 11.09
CA PHE A 279 -11.42 -30.54 9.76
C PHE A 279 -10.98 -31.96 9.47
N GLU A 280 -10.62 -32.73 10.47
CA GLU A 280 -10.11 -34.08 10.27
C GLU A 280 -8.88 -34.09 9.37
N VAL A 281 -8.20 -32.96 9.27
CA VAL A 281 -6.89 -32.91 8.63
C VAL A 281 -5.86 -33.46 9.61
N CYS A 282 -5.01 -34.35 9.13
CA CYS A 282 -3.91 -34.90 9.91
C CYS A 282 -2.69 -33.98 9.82
N ARG A 283 -2.17 -33.60 10.97
CA ARG A 283 -1.04 -32.68 11.04
C ARG A 283 0.26 -33.46 11.02
N ILE A 284 1.21 -33.00 10.22
CA ILE A 284 2.59 -33.46 10.29
C ILE A 284 3.47 -32.21 10.37
N SER A 285 4.44 -32.20 11.27
CA SER A 285 5.18 -30.98 11.54
C SER A 285 6.59 -31.27 12.01
N SER A 286 7.52 -30.39 11.63
CA SER A 286 8.86 -30.45 12.22
C SER A 286 8.75 -30.26 13.73
N SER A 287 9.64 -30.91 14.47
CA SER A 287 9.68 -30.67 15.90
C SER A 287 10.26 -29.27 16.17
N TYR A 288 9.51 -28.23 15.77
CA TYR A 288 10.01 -26.86 15.71
C TYR A 288 10.50 -26.39 17.07
N TYR A 289 10.97 -25.14 17.15
CA TYR A 289 11.59 -24.72 18.38
C TYR A 289 10.56 -24.58 19.48
N ASN A 290 10.74 -25.43 20.51
CA ASN A 290 10.19 -25.29 21.84
C ASN A 290 8.78 -25.84 21.98
N GLY A 291 7.83 -25.17 21.37
CA GLY A 291 6.47 -25.51 21.73
C GLY A 291 5.89 -26.67 20.95
N ALA A 292 6.75 -27.48 20.36
CA ALA A 292 6.26 -28.50 19.43
C ALA A 292 5.31 -29.46 20.14
N LYS A 293 5.76 -30.06 21.25
CA LYS A 293 5.01 -31.13 21.90
C LYS A 293 3.73 -30.61 22.56
N ASP A 294 3.68 -29.32 22.90
CA ASP A 294 2.46 -28.73 23.44
C ASP A 294 1.26 -28.96 22.52
N LEU A 295 1.50 -29.14 21.23
CA LEU A 295 0.47 -29.19 20.22
C LEU A 295 0.26 -30.55 19.59
N ILE A 296 1.24 -31.45 19.66
CA ILE A 296 1.16 -32.71 18.91
C ILE A 296 1.71 -33.89 19.70
N LYS A 297 0.83 -34.68 20.29
CA LYS A 297 1.22 -35.98 20.82
C LYS A 297 1.65 -36.87 19.66
N ASP A 298 2.95 -36.90 19.37
CA ASP A 298 3.45 -37.64 18.21
C ASP A 298 2.93 -39.06 18.21
N ASN A 299 2.44 -39.48 17.06
CA ASN A 299 1.95 -40.82 16.78
C ASN A 299 0.65 -41.10 17.52
N HIS A 300 0.13 -40.14 18.30
CA HIS A 300 -1.18 -40.21 18.92
C HIS A 300 -2.20 -39.29 18.28
N ASP A 301 -1.88 -38.00 18.09
CA ASP A 301 -2.79 -37.14 17.37
C ASP A 301 -2.05 -36.26 16.37
N GLY A 302 -0.95 -36.78 15.85
CA GLY A 302 -0.17 -36.09 14.86
C GLY A 302 1.16 -36.78 14.70
N LEU A 303 1.98 -36.26 13.80
CA LEU A 303 3.28 -36.85 13.54
C LEU A 303 4.33 -35.76 13.50
N LEU A 304 5.43 -35.98 14.21
CA LEU A 304 6.53 -35.04 14.32
C LEU A 304 7.74 -35.59 13.58
N VAL A 305 8.42 -34.73 12.83
CA VAL A 305 9.64 -35.09 12.14
C VAL A 305 10.76 -34.24 12.72
N GLY A 306 11.99 -34.70 12.52
CA GLY A 306 13.12 -33.86 12.87
C GLY A 306 13.08 -32.55 12.12
N CYS A 307 13.61 -31.50 12.72
CA CYS A 307 13.62 -30.21 12.05
C CYS A 307 14.51 -30.26 10.82
N ASP A 308 13.88 -30.08 9.67
CA ASP A 308 14.54 -30.01 8.37
C ASP A 308 15.09 -31.38 7.95
N ASP A 309 14.24 -32.40 8.07
CA ASP A 309 14.55 -33.78 7.70
C ASP A 309 13.65 -34.09 6.50
N GLU A 310 14.15 -33.79 5.29
CA GLU A 310 13.34 -33.95 4.08
C GLU A 310 12.86 -35.38 3.88
N ILE A 311 13.62 -36.36 4.40
CA ILE A 311 13.26 -37.78 4.26
C ILE A 311 12.26 -38.20 5.32
N ALA A 312 12.62 -37.97 6.60
CA ALA A 312 11.70 -38.18 7.71
C ALA A 312 10.29 -37.75 7.34
N LEU A 313 10.13 -36.54 6.82
CA LEU A 313 8.81 -36.09 6.38
C LEU A 313 8.21 -37.04 5.39
N ALA A 314 8.97 -37.42 4.35
CA ALA A 314 8.39 -38.21 3.28
C ALA A 314 7.91 -39.55 3.81
N LYS A 315 8.67 -40.14 4.72
CA LYS A 315 8.29 -41.41 5.30
C LYS A 315 6.96 -41.27 6.03
N LYS A 316 6.84 -40.25 6.90
CA LYS A 316 5.61 -40.01 7.63
C LYS A 316 4.47 -39.69 6.68
N LEU A 317 4.75 -38.90 5.65
CA LEU A 317 3.75 -38.64 4.63
C LEU A 317 3.32 -39.95 3.97
N GLU A 318 4.27 -40.68 3.40
CA GLU A 318 3.97 -41.98 2.78
C GLU A 318 3.28 -42.92 3.78
N LEU A 319 3.59 -42.77 5.06
CA LEU A 319 3.01 -43.60 6.09
C LEU A 319 1.50 -43.41 6.19
N VAL A 320 1.09 -42.18 6.45
CA VAL A 320 -0.33 -41.86 6.51
C VAL A 320 -1.01 -42.14 5.18
N LEU A 321 -0.40 -41.70 4.09
CA LEU A 321 -1.11 -41.71 2.83
C LEU A 321 -1.31 -43.13 2.30
N ASN A 322 -0.53 -44.10 2.75
CA ASN A 322 -0.75 -45.50 2.43
C ASN A 322 -1.60 -46.22 3.47
N ASP A 323 -2.41 -45.48 4.23
CA ASP A 323 -3.01 -46.05 5.44
C ASP A 323 -4.19 -45.26 6.01
N GLU A 324 -5.36 -45.35 5.39
CA GLU A 324 -6.47 -44.48 5.76
C GLU A 324 -6.99 -44.74 7.16
N ASN A 325 -7.01 -46.00 7.59
CA ASN A 325 -7.44 -46.29 8.96
C ASN A 325 -6.52 -45.65 9.98
N PHE A 326 -5.31 -45.26 9.58
CA PHE A 326 -4.45 -44.60 10.54
C PHE A 326 -4.70 -43.11 10.59
N ARG A 327 -4.55 -42.45 9.46
CA ARG A 327 -4.82 -41.05 9.36
C ARG A 327 -6.10 -40.81 10.09
N LYS A 328 -7.09 -41.66 9.88
CA LYS A 328 -8.38 -41.50 10.50
C LYS A 328 -8.41 -41.70 11.97
N GLU A 329 -7.46 -42.40 12.54
CA GLU A 329 -7.44 -42.58 13.96
C GLU A 329 -6.79 -41.35 14.52
N LEU A 330 -5.62 -41.02 14.02
CA LEU A 330 -4.93 -39.84 14.55
C LEU A 330 -5.87 -38.67 14.70
N VAL A 331 -6.68 -38.40 13.68
CA VAL A 331 -7.48 -37.20 13.77
C VAL A 331 -8.59 -37.33 14.80
N ASN A 332 -9.16 -38.53 14.96
CA ASN A 332 -10.18 -38.67 15.97
C ASN A 332 -9.62 -38.43 17.37
N ASN A 333 -8.36 -38.81 17.61
CA ASN A 333 -7.70 -38.36 18.83
C ASN A 333 -7.39 -36.87 18.80
N ALA A 334 -7.22 -36.26 17.62
CA ALA A 334 -6.90 -34.84 17.56
C ALA A 334 -8.12 -33.99 17.81
N LYS A 335 -9.30 -34.50 17.48
CA LYS A 335 -10.53 -33.81 17.81
C LYS A 335 -10.58 -33.45 19.28
N GLN A 336 -9.84 -34.20 20.10
CA GLN A 336 -9.83 -33.99 21.53
C GLN A 336 -9.29 -32.63 21.92
N ARG A 337 -8.34 -32.09 21.15
CA ARG A 337 -7.78 -30.77 21.45
C ARG A 337 -8.70 -29.62 21.04
N CYS A 338 -9.82 -29.89 20.37
CA CYS A 338 -10.63 -28.80 19.83
C CYS A 338 -11.04 -27.80 20.91
N LYS A 339 -11.40 -28.26 22.07
CA LYS A 339 -11.89 -27.31 23.02
C LYS A 339 -10.91 -26.25 23.44
N ASP A 340 -9.64 -26.64 23.54
CA ASP A 340 -8.58 -25.73 23.96
C ASP A 340 -8.41 -24.50 23.06
N PHE A 341 -9.32 -24.29 22.12
CA PHE A 341 -9.19 -23.13 21.25
C PHE A 341 -10.55 -22.52 20.90
N GLU A 342 -11.59 -22.85 21.64
CA GLU A 342 -12.88 -22.23 21.41
C GLU A 342 -12.78 -20.78 21.80
N ILE A 343 -13.24 -19.90 20.90
CA ILE A 343 -13.20 -18.47 21.16
C ILE A 343 -13.95 -18.17 22.45
N SER A 344 -15.06 -18.86 22.64
CA SER A 344 -15.88 -18.67 23.83
C SER A 344 -15.03 -18.73 25.09
N ASN A 345 -14.23 -19.78 25.24
CA ASN A 345 -13.39 -19.90 26.43
C ASN A 345 -12.22 -18.92 26.37
N ILE A 346 -11.54 -18.85 25.23
CA ILE A 346 -10.38 -17.99 25.11
C ILE A 346 -10.77 -16.54 25.31
N LYS A 347 -11.97 -16.15 24.87
CA LYS A 347 -12.38 -14.74 25.01
C LYS A 347 -12.49 -14.33 26.45
N GLU A 348 -13.06 -15.20 27.29
CA GLU A 348 -13.37 -14.80 28.65
C GLU A 348 -12.11 -14.61 29.50
N GLU A 349 -10.99 -15.28 29.17
CA GLU A 349 -9.74 -15.01 29.88
C GLU A 349 -9.15 -13.68 29.42
N TRP A 350 -9.26 -13.37 28.14
CA TRP A 350 -8.96 -12.01 27.72
C TRP A 350 -9.77 -11.04 28.54
N LEU A 351 -11.09 -11.28 28.62
CA LEU A 351 -11.97 -10.45 29.46
C LEU A 351 -11.58 -10.50 30.93
N LYS A 352 -11.21 -11.67 31.44
CA LYS A 352 -10.72 -11.73 32.82
C LYS A 352 -9.47 -10.90 33.00
N LEU A 353 -8.49 -11.04 32.10
CA LEU A 353 -7.25 -10.28 32.24
C LEU A 353 -7.50 -8.78 32.18
N ILE A 354 -8.38 -8.33 31.28
CA ILE A 354 -8.74 -6.91 31.16
C ILE A 354 -9.29 -6.36 32.46
N VAL A 355 -9.96 -7.19 33.27
CA VAL A 355 -10.57 -6.71 34.50
C VAL A 355 -9.52 -6.47 35.57
N GLU A 356 -8.64 -7.45 35.80
CA GLU A 356 -7.59 -7.24 36.81
C GLU A 356 -6.65 -6.14 36.43
N VAL A 357 -6.36 -6.01 35.14
CA VAL A 357 -5.50 -4.92 34.73
C VAL A 357 -6.20 -3.59 34.91
N LYS A 358 -7.51 -3.52 34.69
CA LYS A 358 -8.23 -2.28 34.90
C LYS A 358 -8.33 -1.91 36.39
N ASN A 359 -7.86 -2.79 37.30
CA ASN A 359 -7.79 -2.48 38.73
C ASN A 359 -6.32 -2.28 39.11
N ALA A 360 -5.91 -1.01 39.22
CA ALA A 360 -4.66 -0.45 39.79
C ALA A 360 -4.14 0.63 38.85
N MSE B 1 -8.87 42.64 -2.31
CA MSE B 1 -8.92 42.60 -0.88
C MSE B 1 -8.28 41.34 -0.49
O MSE B 1 -7.05 41.17 -0.59
CB MSE B 1 -10.37 42.47 -0.44
CG MSE B 1 -11.18 43.73 -0.69
SE MSE B 1 -13.08 43.31 -1.05
CE MSE B 1 -13.34 41.82 0.19
N MSE B 2 -9.12 40.44 -0.05
CA MSE B 2 -8.80 39.09 0.40
C MSE B 2 -9.99 38.16 0.33
O MSE B 2 -11.09 38.57 0.65
CB MSE B 2 -8.15 39.06 1.78
CG MSE B 2 -8.55 37.84 2.57
SE MSE B 2 -7.38 37.45 4.07
CE MSE B 2 -8.64 36.30 5.03
N MSE B 3 -9.73 36.88 0.11
CA MSE B 3 -10.78 35.91 0.05
C MSE B 3 -10.34 34.57 0.49
O MSE B 3 -9.15 34.30 0.60
CB MSE B 3 -11.17 35.70 -1.39
CG MSE B 3 -11.23 37.02 -2.12
SE MSE B 3 -11.46 36.50 -3.97
CE MSE B 3 -10.57 38.02 -4.80
N LYS B 4 -11.31 33.71 0.73
CA LYS B 4 -11.05 32.34 1.11
C LYS B 4 -11.11 31.47 -0.13
N ILE B 5 -10.01 30.86 -0.49
CA ILE B 5 -9.98 29.85 -1.52
C ILE B 5 -9.98 28.49 -0.84
N SER B 6 -10.87 27.60 -1.25
CA SER B 6 -10.81 26.22 -0.79
C SER B 6 -10.54 25.29 -1.96
N PHE B 7 -9.47 24.55 -1.86
CA PHE B 7 -9.15 23.54 -2.84
C PHE B 7 -9.65 22.21 -2.36
N ILE B 8 -10.26 21.46 -3.27
CA ILE B 8 -10.78 20.14 -2.96
C ILE B 8 -10.12 19.15 -3.89
N ILE B 9 -9.28 18.28 -3.35
CA ILE B 9 -8.63 17.29 -4.20
C ILE B 9 -8.71 15.95 -3.50
N ALA B 10 -8.50 14.89 -4.27
CA ALA B 10 -8.58 13.54 -3.74
C ALA B 10 -7.40 13.26 -2.84
N THR B 11 -6.20 13.14 -3.41
CA THR B 11 -5.00 12.85 -2.64
C THR B 11 -4.06 14.02 -2.79
N LEU B 12 -2.99 14.02 -2.01
CA LEU B 12 -1.89 14.94 -2.27
C LEU B 12 -0.61 14.16 -2.45
N ASN B 13 -0.67 13.10 -3.23
CA ASN B 13 0.48 12.24 -3.41
C ASN B 13 1.14 12.59 -4.73
N SER B 14 2.35 12.07 -4.95
CA SER B 14 3.22 12.62 -5.99
C SER B 14 2.60 12.57 -7.37
N GLY B 15 1.81 13.58 -7.73
CA GLY B 15 1.14 13.62 -9.01
C GLY B 15 1.37 14.92 -9.74
N GLY B 16 0.73 15.04 -10.89
CA GLY B 16 0.87 16.24 -11.69
C GLY B 16 -0.14 17.30 -11.31
N ALA B 17 -1.39 16.90 -11.05
CA ALA B 17 -2.39 17.86 -10.59
C ALA B 17 -2.05 18.34 -9.18
N GLU B 18 -1.73 17.39 -8.30
CA GLU B 18 -1.31 17.74 -6.95
C GLU B 18 -0.09 18.64 -7.00
N ARG B 19 0.71 18.55 -8.05
CA ARG B 19 1.88 19.42 -8.18
C ARG B 19 1.48 20.87 -8.42
N VAL B 20 0.53 21.13 -9.31
CA VAL B 20 0.10 22.51 -9.53
C VAL B 20 -0.73 23.02 -8.33
N LEU B 21 -1.72 22.24 -7.88
CA LEU B 21 -2.49 22.67 -6.71
C LEU B 21 -1.56 23.25 -5.66
N VAL B 22 -0.53 22.51 -5.28
CA VAL B 22 0.37 23.01 -4.26
C VAL B 22 1.19 24.19 -4.79
N THR B 23 1.49 24.23 -6.11
CA THR B 23 2.14 25.41 -6.68
C THR B 23 1.25 26.65 -6.53
N LEU B 24 -0.03 26.53 -6.87
CA LEU B 24 -1.02 27.59 -6.69
C LEU B 24 -1.24 27.95 -5.22
N ALA B 25 -1.73 26.99 -4.43
CA ALA B 25 -1.95 27.21 -3.01
C ALA B 25 -0.80 27.98 -2.39
N ASN B 26 0.44 27.50 -2.54
CA ASN B 26 1.59 28.20 -1.97
C ASN B 26 1.70 29.66 -2.43
N ALA B 27 1.11 29.99 -3.59
CA ALA B 27 1.21 31.34 -4.17
C ALA B 27 0.07 32.25 -3.73
N LEU B 28 -1.18 31.83 -3.89
CA LEU B 28 -2.29 32.58 -3.29
C LEU B 28 -2.08 32.73 -1.79
N CYS B 29 -1.48 31.71 -1.17
CA CYS B 29 -1.35 31.54 0.26
C CYS B 29 -1.02 32.80 1.04
N LYS B 30 -0.14 33.63 0.47
CA LYS B 30 0.39 34.77 1.21
C LYS B 30 -0.60 35.95 1.23
N GLU B 31 -1.23 36.23 0.09
CA GLU B 31 -2.17 37.34 -0.03
C GLU B 31 -3.56 36.96 0.47
N HIS B 32 -4.00 35.74 0.21
CA HIS B 32 -5.35 35.30 0.51
C HIS B 32 -5.29 34.29 1.66
N GLU B 33 -6.29 33.43 1.74
CA GLU B 33 -6.29 32.37 2.75
C GLU B 33 -6.87 31.13 2.12
N VAL B 34 -6.16 30.03 2.27
CA VAL B 34 -6.26 28.91 1.35
C VAL B 34 -6.53 27.66 2.17
N SER B 35 -7.78 27.23 2.21
CA SER B 35 -8.08 25.91 2.71
C SER B 35 -7.84 24.87 1.62
N ILE B 36 -7.33 23.71 1.99
CA ILE B 36 -7.40 22.57 1.11
C ILE B 36 -8.22 21.51 1.81
N ILE B 37 -9.14 20.90 1.07
CA ILE B 37 -9.92 19.78 1.55
C ILE B 37 -9.51 18.57 0.73
N LYS B 38 -8.90 17.58 1.35
CA LYS B 38 -8.44 16.42 0.61
C LYS B 38 -9.12 15.17 1.08
N PHE B 39 -9.34 14.25 0.18
CA PHE B 39 -10.08 13.05 0.58
C PHE B 39 -9.16 12.10 1.31
N HIS B 40 -8.32 11.37 0.57
CA HIS B 40 -7.46 10.37 1.21
C HIS B 40 -6.51 11.03 2.20
N THR B 41 -6.72 10.77 3.48
CA THR B 41 -5.84 11.28 4.53
C THR B 41 -4.39 10.88 4.30
N GLY B 42 -3.48 11.55 5.00
CA GLY B 42 -2.06 11.39 4.77
C GLY B 42 -1.38 12.74 4.61
N GLU B 43 -0.08 12.68 4.31
CA GLU B 43 0.69 13.90 4.12
C GLU B 43 0.74 14.29 2.65
N SER B 44 1.25 15.49 2.41
CA SER B 44 1.46 15.95 1.06
C SER B 44 2.88 15.62 0.65
N PHE B 45 3.03 15.07 -0.56
CA PHE B 45 4.33 14.79 -1.14
C PHE B 45 5.09 16.06 -1.45
N TYR B 46 4.43 17.21 -1.48
CA TYR B 46 5.06 18.44 -1.89
C TYR B 46 5.07 19.43 -0.74
N LYS B 47 6.24 20.05 -0.51
CA LYS B 47 6.40 21.03 0.56
C LYS B 47 5.32 22.08 0.41
N LEU B 48 4.45 22.14 1.42
CA LEU B 48 3.30 23.03 1.42
C LEU B 48 3.50 24.13 2.44
N GLU B 49 3.22 25.37 2.05
CA GLU B 49 3.39 26.53 2.90
C GLU B 49 2.59 26.40 4.20
N ASN B 50 3.09 27.01 5.28
CA ASN B 50 2.40 26.85 6.55
C ASN B 50 1.05 27.54 6.58
N GLU B 51 0.89 28.64 5.86
CA GLU B 51 -0.39 29.32 5.99
C GLU B 51 -1.53 28.52 5.34
N VAL B 52 -1.21 27.53 4.53
CA VAL B 52 -2.22 26.72 3.85
C VAL B 52 -2.86 25.79 4.87
N LYS B 53 -4.15 26.02 5.17
CA LYS B 53 -4.94 25.16 6.03
C LYS B 53 -5.35 23.91 5.27
N VAL B 54 -4.99 22.73 5.78
CA VAL B 54 -5.38 21.47 5.14
C VAL B 54 -6.24 20.65 6.08
N THR B 55 -7.34 20.14 5.55
CA THR B 55 -8.29 19.35 6.31
C THR B 55 -8.63 18.12 5.47
N SER B 56 -8.55 16.95 6.10
CA SER B 56 -8.86 15.67 5.47
C SER B 56 -10.23 15.18 5.88
N LEU B 57 -10.95 14.56 4.94
CA LEU B 57 -12.17 13.88 5.32
C LEU B 57 -11.85 12.65 6.15
N GLU B 58 -12.87 12.06 6.75
CA GLU B 58 -12.66 10.90 7.61
C GLU B 58 -12.08 9.69 6.83
N GLN B 59 -11.59 8.70 7.59
CA GLN B 59 -11.30 7.36 7.07
C GLN B 59 -12.56 6.49 7.19
N PHE B 60 -12.86 5.73 6.13
CA PHE B 60 -14.04 4.86 6.12
C PHE B 60 -13.68 3.44 5.67
N ARG B 61 -14.50 2.49 6.09
CA ARG B 61 -14.27 1.08 5.79
C ARG B 61 -14.97 0.72 4.49
N PHE B 62 -14.28 -0.06 3.65
CA PHE B 62 -14.87 -0.57 2.43
C PHE B 62 -14.83 -2.10 2.34
N ASP B 63 -14.88 -2.80 3.48
CA ASP B 63 -15.15 -4.24 3.53
C ASP B 63 -16.58 -4.50 4.00
N THR B 64 -17.18 -5.56 3.45
CA THR B 64 -18.60 -5.91 3.59
C THR B 64 -19.42 -5.14 2.56
N LEU B 65 -20.42 -5.81 1.98
CA LEU B 65 -21.30 -5.11 1.06
C LEU B 65 -21.81 -3.84 1.72
N TYR B 66 -21.98 -3.90 3.05
CA TYR B 66 -22.46 -2.80 3.86
C TYR B 66 -21.54 -1.58 3.78
N HIS B 67 -20.36 -1.67 4.38
CA HIS B 67 -19.44 -0.53 4.33
C HIS B 67 -19.11 -0.13 2.91
N LYS B 68 -19.24 -1.03 1.95
CA LYS B 68 -18.93 -0.64 0.58
C LYS B 68 -19.96 0.34 0.03
N ILE B 69 -21.25 0.14 0.33
CA ILE B 69 -22.26 1.09 -0.12
C ILE B 69 -22.53 2.15 0.94
N ALA B 70 -22.54 1.77 2.21
CA ALA B 70 -22.77 2.75 3.26
C ALA B 70 -21.68 3.81 3.27
N SER B 71 -20.42 3.40 3.10
CA SER B 71 -19.38 4.42 3.24
C SER B 71 -19.30 5.38 2.05
N ARG B 72 -20.19 5.23 1.07
CA ARG B 72 -20.25 6.22 0.00
C ARG B 72 -21.14 7.37 0.41
N PHE B 73 -22.27 7.06 1.02
CA PHE B 73 -23.13 8.11 1.55
C PHE B 73 -22.45 8.82 2.70
N LYS B 74 -21.74 8.07 3.54
CA LYS B 74 -20.99 8.66 4.64
C LYS B 74 -19.93 9.64 4.14
N LYS B 75 -19.16 9.25 3.12
CA LYS B 75 -18.17 10.18 2.57
C LYS B 75 -18.84 11.44 2.02
N PHE B 76 -19.86 11.27 1.16
CA PHE B 76 -20.50 12.41 0.49
C PHE B 76 -21.00 13.44 1.48
N PHE B 77 -21.63 13.00 2.56
CA PHE B 77 -22.13 13.96 3.54
C PHE B 77 -21.02 14.54 4.39
N ALA B 78 -19.98 13.77 4.67
CA ALA B 78 -18.81 14.35 5.30
C ALA B 78 -18.22 15.44 4.43
N LEU B 79 -18.31 15.29 3.11
CA LEU B 79 -17.83 16.33 2.21
C LEU B 79 -18.72 17.56 2.28
N ARG B 80 -20.03 17.35 2.08
CA ARG B 80 -20.97 18.45 2.14
C ARG B 80 -20.84 19.20 3.45
N LYS B 81 -20.56 18.46 4.53
CA LYS B 81 -20.41 19.09 5.83
C LYS B 81 -19.22 20.02 5.84
N ALA B 82 -18.05 19.53 5.41
CA ALA B 82 -16.84 20.34 5.37
C ALA B 82 -17.02 21.55 4.47
N LEU B 83 -17.59 21.34 3.28
CA LEU B 83 -17.81 22.46 2.36
C LEU B 83 -18.53 23.58 3.07
N LYS B 84 -19.56 23.25 3.84
CA LYS B 84 -20.29 24.28 4.59
C LYS B 84 -19.37 25.02 5.58
N GLU B 85 -18.67 24.29 6.42
CA GLU B 85 -17.80 24.87 7.45
C GLU B 85 -16.45 25.36 6.93
N SER B 86 -16.23 25.49 5.63
CA SER B 86 -15.05 26.23 5.22
C SER B 86 -15.38 27.70 4.97
N LYS B 87 -16.66 28.01 4.77
CA LYS B 87 -17.14 29.36 4.55
C LYS B 87 -16.35 30.05 3.45
N ALA B 88 -15.90 29.26 2.49
CA ALA B 88 -14.99 29.76 1.48
C ALA B 88 -15.74 30.67 0.53
N ASP B 89 -14.99 31.62 -0.03
CA ASP B 89 -15.54 32.54 -1.01
C ASP B 89 -15.59 31.84 -2.37
N VAL B 90 -14.90 30.71 -2.49
CA VAL B 90 -14.89 29.97 -3.74
C VAL B 90 -14.35 28.58 -3.48
N PHE B 91 -14.85 27.62 -4.25
CA PHE B 91 -14.35 26.27 -4.29
C PHE B 91 -13.69 26.08 -5.64
N ILE B 92 -12.47 25.56 -5.61
CA ILE B 92 -11.79 25.02 -6.77
C ILE B 92 -11.48 23.57 -6.46
N SER B 93 -11.90 22.66 -7.33
CA SER B 93 -11.66 21.24 -7.11
C SER B 93 -10.94 20.65 -8.33
N PHE B 94 -10.36 19.45 -8.16
CA PHE B 94 -9.36 18.95 -9.08
C PHE B 94 -9.64 17.52 -9.49
N LEU B 95 -9.77 17.28 -10.81
CA LEU B 95 -9.86 15.96 -11.45
C LEU B 95 -11.28 15.39 -11.48
N ASP B 96 -11.59 14.80 -12.62
CA ASP B 96 -12.91 14.24 -12.94
C ASP B 96 -13.80 13.86 -11.77
N THR B 97 -13.46 12.76 -11.12
CA THR B 97 -14.26 12.21 -10.03
C THR B 97 -14.48 13.23 -8.91
N THR B 98 -13.41 13.90 -8.46
CA THR B 98 -13.55 14.96 -7.47
C THR B 98 -14.48 16.06 -7.96
N ASN B 99 -14.44 16.34 -9.27
CA ASN B 99 -15.28 17.40 -9.83
C ASN B 99 -16.75 17.03 -9.81
N ILE B 100 -17.10 15.79 -10.20
CA ILE B 100 -18.50 15.38 -10.16
C ILE B 100 -19.00 15.32 -8.73
N ALA B 101 -18.23 14.67 -7.86
CA ALA B 101 -18.47 14.70 -6.42
C ALA B 101 -18.81 16.10 -5.93
N CYS B 102 -17.95 17.07 -6.22
CA CYS B 102 -18.12 18.41 -5.67
C CYS B 102 -19.38 19.10 -6.18
N ILE B 103 -19.70 18.94 -7.47
CA ILE B 103 -20.88 19.57 -8.05
C ILE B 103 -22.14 19.07 -7.34
N LEU B 104 -22.25 17.75 -7.20
CA LEU B 104 -23.39 17.16 -6.48
C LEU B 104 -23.39 17.60 -5.04
N ALA B 105 -22.28 17.41 -4.33
CA ALA B 105 -22.23 17.75 -2.91
C ALA B 105 -22.50 19.23 -2.65
N ASN B 106 -22.05 20.11 -3.55
CA ASN B 106 -22.22 21.55 -3.41
C ASN B 106 -23.63 22.01 -3.72
N ILE B 107 -24.45 21.16 -4.36
CA ILE B 107 -25.86 21.48 -4.62
C ILE B 107 -26.47 21.98 -3.33
N GLY B 108 -26.72 23.28 -3.23
CA GLY B 108 -27.26 23.82 -2.00
C GLY B 108 -26.57 25.08 -1.54
N LEU B 109 -25.31 24.93 -1.13
CA LEU B 109 -24.49 26.07 -0.71
C LEU B 109 -24.48 27.17 -1.77
N LYS B 110 -24.28 28.41 -1.32
CA LYS B 110 -24.24 29.54 -2.23
C LYS B 110 -22.80 29.97 -2.51
N THR B 111 -21.92 29.00 -2.69
CA THR B 111 -20.55 29.36 -2.98
C THR B 111 -20.17 28.87 -4.36
N PRO B 112 -19.27 29.56 -5.04
CA PRO B 112 -18.92 29.20 -6.42
C PRO B 112 -18.00 28.00 -6.44
N LEU B 113 -18.24 27.12 -7.41
CA LEU B 113 -17.41 25.95 -7.64
C LEU B 113 -16.69 26.10 -8.98
N ILE B 114 -15.38 25.88 -9.01
CA ILE B 114 -14.62 26.16 -10.22
C ILE B 114 -14.31 24.90 -11.03
N ILE B 115 -13.81 23.84 -10.40
CA ILE B 115 -13.47 22.57 -11.07
C ILE B 115 -12.51 22.71 -12.25
N SER B 116 -11.58 21.77 -12.37
CA SER B 116 -10.58 21.87 -13.44
C SER B 116 -10.25 20.48 -13.97
N GLU B 117 -10.32 20.32 -15.30
CA GLU B 117 -9.89 19.09 -15.94
C GLU B 117 -8.39 19.16 -16.18
N HIS B 118 -7.70 18.05 -15.94
CA HIS B 118 -6.24 18.01 -15.92
C HIS B 118 -5.75 16.88 -16.77
N SER B 119 -6.33 16.79 -17.95
CA SER B 119 -6.12 15.66 -18.84
C SER B 119 -6.96 15.89 -20.06
N ASN B 120 -6.46 15.47 -21.20
CA ASN B 120 -7.25 15.54 -22.41
C ASN B 120 -8.64 14.96 -22.14
N GLU B 121 -9.65 15.54 -22.78
CA GLU B 121 -11.04 15.11 -22.55
C GLU B 121 -11.19 13.62 -22.80
N ALA B 122 -10.33 13.04 -23.64
CA ALA B 122 -10.42 11.66 -24.06
C ALA B 122 -9.85 10.69 -23.03
N TYR B 123 -9.11 11.17 -22.03
CA TYR B 123 -8.59 10.26 -21.02
C TYR B 123 -9.71 9.52 -20.30
N LEU B 124 -10.77 10.24 -19.89
CA LEU B 124 -11.89 9.60 -19.20
C LEU B 124 -12.49 8.54 -20.11
N LYS B 125 -12.13 7.29 -19.85
CA LYS B 125 -12.50 6.15 -20.67
C LYS B 125 -13.89 5.56 -20.36
N PRO B 126 -14.29 5.34 -19.09
CA PRO B 126 -15.53 4.61 -18.84
C PRO B 126 -16.75 5.26 -19.51
N LYS B 127 -17.84 4.49 -19.51
CA LYS B 127 -19.09 4.90 -20.13
C LYS B 127 -20.01 5.60 -19.13
N THR B 128 -20.00 5.17 -17.87
CA THR B 128 -20.80 5.82 -16.85
C THR B 128 -20.26 7.23 -16.59
N TRP B 129 -18.94 7.32 -16.39
CA TRP B 129 -18.33 8.57 -15.97
C TRP B 129 -18.37 9.63 -17.07
N ARG B 130 -18.24 9.20 -18.32
CA ARG B 130 -18.31 10.16 -19.41
C ARG B 130 -19.70 10.77 -19.54
N PHE B 131 -20.73 10.07 -19.04
CA PHE B 131 -22.09 10.56 -19.05
C PHE B 131 -22.38 11.49 -17.86
N LEU B 132 -21.95 11.10 -16.64
CA LEU B 132 -22.17 11.94 -15.47
C LEU B 132 -21.44 13.25 -15.60
N ARG B 133 -20.33 13.26 -16.34
CA ARG B 133 -19.61 14.50 -16.61
C ARG B 133 -20.40 15.42 -17.53
N ARG B 134 -21.13 14.86 -18.49
CA ARG B 134 -21.91 15.71 -19.38
C ARG B 134 -23.12 16.31 -18.67
N VAL B 135 -23.75 15.58 -17.75
CA VAL B 135 -24.94 16.11 -17.07
C VAL B 135 -24.54 16.99 -15.92
N SER B 136 -23.44 16.68 -15.23
CA SER B 136 -23.17 17.39 -13.99
C SER B 136 -22.27 18.58 -14.21
N TYR B 137 -21.31 18.45 -15.11
CA TYR B 137 -20.41 19.57 -15.39
C TYR B 137 -21.07 20.86 -15.82
N PRO B 138 -22.22 20.90 -16.49
CA PRO B 138 -22.86 22.20 -16.74
C PRO B 138 -23.42 22.87 -15.49
N PHE B 139 -23.39 22.22 -14.33
CA PHE B 139 -23.94 22.83 -13.13
C PHE B 139 -22.90 23.56 -12.29
N CYS B 140 -21.62 23.42 -12.61
CA CYS B 140 -20.59 24.22 -11.98
C CYS B 140 -20.72 25.68 -12.39
N ASP B 141 -19.80 26.49 -11.91
CA ASP B 141 -19.82 27.90 -12.24
C ASP B 141 -18.74 28.31 -13.24
N ALA B 142 -17.60 27.62 -13.22
CA ALA B 142 -16.56 27.81 -14.23
C ALA B 142 -15.91 26.46 -14.52
N LEU B 143 -14.90 26.46 -15.38
CA LEU B 143 -14.17 25.22 -15.66
C LEU B 143 -12.82 25.57 -16.25
N SER B 144 -11.75 25.22 -15.53
CA SER B 144 -10.39 25.42 -16.03
C SER B 144 -10.07 24.25 -16.97
N VAL B 145 -9.22 24.50 -17.95
CA VAL B 145 -8.85 23.47 -18.89
C VAL B 145 -7.49 23.75 -19.47
N LEU B 146 -6.76 22.71 -19.85
CA LEU B 146 -5.38 22.88 -20.31
C LEU B 146 -5.24 22.99 -21.82
N GLY B 147 -5.57 21.92 -22.55
CA GLY B 147 -5.44 21.94 -24.00
C GLY B 147 -6.56 22.73 -24.66
N SER B 148 -6.24 23.32 -25.82
CA SER B 148 -7.25 24.09 -26.56
C SER B 148 -8.36 23.19 -27.07
N SER B 149 -8.02 22.03 -27.62
CA SER B 149 -9.02 21.10 -28.10
C SER B 149 -10.00 20.71 -27.00
N ASP B 150 -9.62 20.85 -25.73
CA ASP B 150 -10.53 20.58 -24.61
C ASP B 150 -11.56 21.70 -24.44
N LYS B 151 -11.14 22.94 -24.65
CA LYS B 151 -12.08 24.05 -24.60
C LYS B 151 -13.13 23.96 -25.72
N VAL B 152 -12.73 23.65 -26.95
CA VAL B 152 -13.73 23.47 -28.01
C VAL B 152 -14.67 22.30 -27.70
N TYR B 153 -14.20 21.33 -26.91
CA TYR B 153 -15.06 20.20 -26.56
C TYR B 153 -15.99 20.58 -25.41
N TYR B 154 -15.47 21.28 -24.40
CA TYR B 154 -16.23 21.58 -23.19
C TYR B 154 -17.11 22.82 -23.32
N GLU B 155 -16.76 23.77 -24.19
CA GLU B 155 -17.63 24.92 -24.42
C GLU B 155 -18.99 24.51 -24.95
N ARG B 156 -19.09 23.32 -25.53
CA ARG B 156 -20.31 22.82 -26.13
C ARG B 156 -21.46 22.74 -25.11
N PHE B 157 -21.14 22.43 -23.84
CA PHE B 157 -22.19 22.24 -22.84
C PHE B 157 -21.89 22.92 -21.51
N VAL B 158 -20.83 23.73 -21.42
CA VAL B 158 -20.50 24.53 -20.26
C VAL B 158 -20.31 25.98 -20.68
N LYS B 159 -20.86 26.91 -19.89
CA LYS B 159 -20.93 28.30 -20.34
C LYS B 159 -19.63 29.06 -20.13
N ARG B 160 -18.92 28.83 -19.04
CA ARG B 160 -17.68 29.55 -18.75
C ARG B 160 -16.54 28.54 -18.69
N VAL B 161 -15.66 28.57 -19.70
CA VAL B 161 -14.46 27.74 -19.71
C VAL B 161 -13.26 28.65 -19.96
N LYS B 162 -12.19 28.44 -19.21
CA LYS B 162 -10.99 29.23 -19.37
C LYS B 162 -9.82 28.28 -19.53
N LEU B 163 -8.82 28.72 -20.29
CA LEU B 163 -7.63 27.91 -20.54
C LEU B 163 -6.52 28.43 -19.67
N LEU B 164 -6.27 27.75 -18.56
CA LEU B 164 -5.18 28.11 -17.67
C LEU B 164 -4.05 27.10 -17.86
N LEU B 165 -2.84 27.61 -18.03
CA LEU B 165 -1.68 26.75 -18.22
C LEU B 165 -1.23 26.15 -16.90
N ASN B 166 -0.26 25.39 -16.96
CA ASN B 166 0.19 25.00 -15.65
C ASN B 166 1.31 25.91 -15.18
N PRO B 167 1.44 26.15 -13.92
CA PRO B 167 2.52 27.00 -13.44
C PRO B 167 3.66 26.17 -12.90
N CYS B 168 4.86 26.40 -13.42
CA CYS B 168 6.01 25.64 -12.96
C CYS B 168 6.62 26.32 -11.74
N HIS B 169 6.65 25.59 -10.62
CA HIS B 169 7.21 26.14 -9.38
C HIS B 169 8.70 26.43 -9.52
N PHE B 170 9.37 25.73 -10.43
CA PHE B 170 10.77 26.05 -10.68
C PHE B 170 10.96 27.44 -11.24
N SER B 171 9.90 28.03 -11.80
CA SER B 171 10.10 29.26 -12.54
C SER B 171 10.72 30.32 -11.67
N ASP B 172 10.41 30.31 -10.36
CA ASP B 172 11.00 31.25 -9.42
C ASP B 172 12.36 30.78 -8.91
N GLU B 173 12.43 29.54 -8.42
CA GLU B 173 13.66 28.95 -7.92
C GLU B 173 14.84 29.11 -8.87
N ILE B 174 14.81 28.44 -10.01
CA ILE B 174 15.98 28.39 -10.89
C ILE B 174 16.18 29.67 -11.69
N PRO B 175 17.25 30.42 -11.44
CA PRO B 175 17.47 31.64 -12.22
C PRO B 175 17.59 31.31 -13.71
N PHE B 176 16.93 32.13 -14.54
CA PHE B 176 17.10 32.02 -15.99
C PHE B 176 18.58 32.18 -16.36
N ASP B 177 19.00 31.45 -17.38
CA ASP B 177 20.40 31.44 -17.79
C ASP B 177 21.32 31.05 -16.62
N SER B 178 21.38 29.74 -16.32
CA SER B 178 22.28 29.16 -15.32
C SER B 178 23.26 28.23 -16.02
N SER B 179 24.52 28.30 -15.62
CA SER B 179 25.50 27.30 -16.05
C SER B 179 25.08 25.94 -15.50
N PHE B 180 24.99 24.95 -16.36
CA PHE B 180 24.65 23.58 -15.98
C PHE B 180 25.76 22.67 -16.45
N GLU B 181 26.47 22.04 -15.51
CA GLU B 181 27.53 21.10 -15.84
C GLU B 181 26.91 19.70 -15.88
N LYS B 182 26.63 19.20 -17.07
CA LYS B 182 25.82 18.00 -17.19
C LYS B 182 26.65 16.73 -17.20
N GLU B 183 25.94 15.61 -17.09
CA GLU B 183 26.50 14.28 -17.01
C GLU B 183 25.76 13.36 -17.94
N ASN B 184 26.40 12.26 -18.32
CA ASN B 184 25.81 11.27 -19.20
C ASN B 184 24.67 10.55 -18.49
N LEU B 185 23.51 11.21 -18.46
CA LEU B 185 22.33 10.74 -17.73
C LEU B 185 21.07 11.01 -18.53
N VAL B 186 20.26 9.97 -18.75
CA VAL B 186 18.96 10.10 -19.38
C VAL B 186 17.88 9.81 -18.34
N LEU B 187 16.83 10.63 -18.36
CA LEU B 187 15.80 10.61 -17.35
C LEU B 187 14.52 10.09 -17.93
N PHE B 188 13.82 9.27 -17.16
CA PHE B 188 12.40 9.02 -17.37
C PHE B 188 11.73 9.33 -16.05
N ILE B 189 10.87 10.34 -16.04
CA ILE B 189 10.16 10.77 -14.85
C ILE B 189 8.66 10.62 -15.10
N GLY B 190 7.99 9.88 -14.23
CA GLY B 190 6.55 9.73 -14.36
C GLY B 190 6.06 8.46 -13.70
N ARG B 191 4.76 8.32 -13.64
CA ARG B 191 4.14 7.17 -13.05
C ARG B 191 4.37 5.96 -13.90
N LEU B 192 4.58 4.82 -13.27
CA LEU B 192 4.82 3.58 -13.98
C LEU B 192 3.49 2.83 -14.17
N ASP B 193 2.59 3.44 -14.94
CA ASP B 193 1.36 2.76 -15.36
C ASP B 193 1.38 2.61 -16.89
N HIS B 194 0.31 2.05 -17.42
CA HIS B 194 0.31 1.62 -18.82
C HIS B 194 0.37 2.81 -19.79
N ASN B 195 -0.32 3.92 -19.51
CA ASN B 195 -0.32 5.03 -20.45
C ASN B 195 1.04 5.70 -20.50
N LYS B 196 1.65 5.90 -19.33
CA LYS B 196 2.94 6.57 -19.29
C LYS B 196 3.98 5.80 -20.10
N ASN B 197 3.74 4.52 -20.32
CA ASN B 197 4.42 3.70 -21.31
C ASN B 197 5.92 3.54 -21.05
N PRO B 198 6.32 3.18 -19.82
CA PRO B 198 7.75 3.08 -19.55
C PRO B 198 8.45 1.99 -20.33
N VAL B 199 7.71 1.02 -20.88
CA VAL B 199 8.37 -0.08 -21.57
C VAL B 199 9.08 0.44 -22.80
N MSE B 200 8.47 1.37 -23.52
CA MSE B 200 9.08 1.98 -24.71
C MSE B 200 10.43 2.66 -24.39
O MSE B 200 11.36 2.63 -25.17
CB MSE B 200 8.12 3.00 -25.32
CG MSE B 200 8.75 3.93 -26.35
SE MSE B 200 7.57 5.39 -27.02
CE MSE B 200 8.85 6.58 -27.91
N PHE B 201 10.52 3.27 -23.21
CA PHE B 201 11.80 3.77 -22.77
C PHE B 201 12.81 2.64 -22.69
N LEU B 202 12.43 1.51 -22.08
CA LEU B 202 13.34 0.37 -21.93
C LEU B 202 13.70 -0.25 -23.28
N LYS B 203 12.69 -0.70 -24.02
CA LYS B 203 12.86 -1.20 -25.37
C LYS B 203 13.85 -0.37 -26.18
N ALA B 204 13.79 0.96 -26.04
CA ALA B 204 14.64 1.86 -26.83
C ALA B 204 16.05 2.01 -26.27
N ILE B 205 16.27 1.91 -24.96
CA ILE B 205 17.64 1.85 -24.46
C ILE B 205 18.34 0.59 -24.96
N ALA B 206 17.57 -0.48 -25.18
CA ALA B 206 18.11 -1.70 -25.77
C ALA B 206 18.76 -1.43 -27.11
N HIS B 207 18.20 -0.54 -27.92
CA HIS B 207 18.64 -0.37 -29.28
C HIS B 207 19.72 0.69 -29.46
N LEU B 208 20.26 1.25 -28.38
CA LEU B 208 21.24 2.32 -28.47
C LEU B 208 22.66 1.78 -28.69
N ASP B 209 23.50 2.61 -29.31
CA ASP B 209 24.89 2.26 -29.48
C ASP B 209 25.48 1.71 -28.20
N LYS B 210 26.29 0.67 -28.33
CA LYS B 210 27.00 0.21 -27.16
C LYS B 210 27.88 1.32 -26.61
N ASN B 211 28.47 2.14 -27.50
CA ASN B 211 29.18 3.36 -27.15
C ASN B 211 28.43 4.15 -26.09
N LEU B 212 27.31 4.76 -26.50
CA LEU B 212 26.43 5.47 -25.58
C LEU B 212 26.04 4.58 -24.42
N GLN B 213 25.31 3.50 -24.70
CA GLN B 213 24.63 2.74 -23.66
C GLN B 213 25.55 2.36 -22.49
N GLU B 214 26.85 2.24 -22.75
CA GLU B 214 27.82 1.84 -21.73
C GLU B 214 28.42 3.00 -20.95
N ASN B 215 28.31 4.22 -21.45
CA ASN B 215 28.83 5.40 -20.76
C ASN B 215 27.71 6.27 -20.21
N TYR B 216 26.46 5.90 -20.44
CA TYR B 216 25.33 6.71 -19.98
C TYR B 216 24.60 5.96 -18.87
N LYS B 217 24.04 6.75 -17.95
CA LYS B 217 23.27 6.26 -16.83
C LYS B 217 21.80 6.53 -17.11
N PHE B 218 20.96 5.51 -16.98
CA PHE B 218 19.55 5.63 -17.28
C PHE B 218 18.76 5.47 -15.99
N VAL B 219 17.71 6.26 -15.81
CA VAL B 219 17.07 6.37 -14.51
C VAL B 219 15.56 6.58 -14.67
N ILE B 220 14.80 5.71 -14.03
CA ILE B 220 13.36 5.83 -14.02
C ILE B 220 12.92 6.24 -12.62
N ALA B 221 12.81 7.53 -12.38
CA ALA B 221 12.17 8.02 -11.17
C ALA B 221 10.66 7.98 -11.36
N GLY B 222 9.96 7.49 -10.36
CA GLY B 222 8.52 7.34 -10.43
C GLY B 222 8.20 5.92 -10.02
N ASP B 223 6.99 5.73 -9.50
CA ASP B 223 6.52 4.41 -9.14
C ASP B 223 5.08 4.23 -9.62
N GLY B 224 4.75 2.99 -9.91
CA GLY B 224 3.43 2.62 -10.34
C GLY B 224 3.25 1.15 -10.13
N GLU B 225 2.29 0.56 -10.84
CA GLU B 225 2.02 -0.87 -10.75
C GLU B 225 2.95 -1.71 -11.63
N LEU B 226 3.68 -1.09 -12.54
CA LEU B 226 4.53 -1.82 -13.45
C LEU B 226 5.94 -1.97 -12.94
N ARG B 227 6.24 -1.44 -11.76
CA ARG B 227 7.62 -1.43 -11.29
C ARG B 227 8.22 -2.84 -11.17
N GLN B 228 7.42 -3.88 -10.88
CA GLN B 228 8.02 -5.22 -10.79
C GLN B 228 8.37 -5.78 -12.15
N GLU B 229 7.36 -5.90 -13.02
CA GLU B 229 7.59 -6.39 -14.37
C GLU B 229 8.55 -5.50 -15.13
N LEU B 230 8.61 -4.22 -14.80
CA LEU B 230 9.61 -3.37 -15.44
C LEU B 230 11.02 -3.82 -15.06
N GLU B 231 11.25 -4.15 -13.80
CA GLU B 231 12.57 -4.64 -13.43
C GLU B 231 12.84 -6.01 -14.02
N TYR B 232 11.79 -6.79 -14.25
CA TYR B 232 11.93 -8.07 -14.94
C TYR B 232 12.35 -7.84 -16.40
N LYS B 233 11.62 -6.97 -17.12
CA LYS B 233 11.95 -6.72 -18.51
C LYS B 233 13.33 -6.06 -18.67
N VAL B 234 13.77 -5.31 -17.65
CA VAL B 234 15.14 -4.78 -17.63
C VAL B 234 16.15 -5.90 -17.65
N LYS B 235 15.78 -7.07 -17.11
CA LYS B 235 16.63 -8.26 -17.23
C LYS B 235 16.43 -8.96 -18.57
N SER B 236 15.17 -9.12 -18.98
CA SER B 236 14.82 -9.79 -20.24
C SER B 236 15.56 -9.21 -21.45
N LEU B 237 15.62 -7.87 -21.54
CA LEU B 237 16.40 -7.21 -22.57
C LEU B 237 17.86 -7.07 -22.17
N GLY B 238 18.15 -7.11 -20.87
CA GLY B 238 19.51 -6.98 -20.34
C GLY B 238 20.14 -5.62 -20.56
N ILE B 239 19.62 -4.61 -19.85
CA ILE B 239 20.15 -3.24 -19.86
C ILE B 239 20.31 -2.79 -18.41
N LYS B 240 20.87 -1.59 -18.22
CA LYS B 240 21.16 -1.05 -16.88
C LYS B 240 20.34 0.20 -16.62
N VAL B 241 19.16 0.03 -16.03
CA VAL B 241 18.27 1.14 -15.70
C VAL B 241 18.09 1.23 -14.19
N ASP B 242 18.19 2.44 -13.63
CA ASP B 242 18.13 2.61 -12.18
C ASP B 242 16.74 3.10 -11.77
N PHE B 243 15.92 2.17 -11.28
CA PHE B 243 14.62 2.52 -10.74
C PHE B 243 14.81 3.22 -9.40
N LEU B 244 14.34 4.45 -9.31
CA LEU B 244 14.38 5.18 -8.05
C LEU B 244 13.03 5.27 -7.37
N GLY B 245 11.95 5.53 -8.11
CA GLY B 245 10.62 5.46 -7.58
C GLY B 245 10.26 6.53 -6.58
N ARG B 246 9.44 7.49 -7.01
CA ARG B 246 8.94 8.59 -6.19
C ARG B 246 10.04 9.27 -5.38
N VAL B 247 10.80 10.15 -6.03
CA VAL B 247 11.86 10.91 -5.38
C VAL B 247 11.41 12.36 -5.28
N GLU B 248 11.33 12.87 -4.05
CA GLU B 248 10.78 14.22 -3.85
C GLU B 248 11.68 15.29 -4.45
N ASN B 249 12.98 15.03 -4.60
CA ASN B 249 13.93 16.01 -5.13
C ASN B 249 14.30 15.66 -6.57
N VAL B 250 13.35 15.95 -7.46
CA VAL B 250 13.63 15.82 -8.89
C VAL B 250 14.52 16.96 -9.34
N LYS B 251 14.61 18.03 -8.54
CA LYS B 251 15.53 19.12 -8.88
C LYS B 251 16.95 18.62 -9.10
N ALA B 252 17.42 17.69 -8.25
CA ALA B 252 18.80 17.22 -8.37
C ALA B 252 19.02 16.38 -9.62
N LEU B 253 18.02 15.61 -10.04
CA LEU B 253 18.17 14.89 -11.31
C LEU B 253 18.03 15.84 -12.48
N TYR B 254 17.06 16.74 -12.42
CA TYR B 254 16.80 17.59 -13.56
C TYR B 254 18.00 18.41 -13.95
N GLU B 255 18.98 18.57 -13.05
CA GLU B 255 20.17 19.34 -13.40
C GLU B 255 21.14 18.46 -14.18
N LYS B 256 21.72 17.47 -13.50
CA LYS B 256 22.73 16.61 -14.11
C LYS B 256 22.27 15.95 -15.40
N ALA B 257 20.97 15.77 -15.60
CA ALA B 257 20.46 15.01 -16.73
C ALA B 257 20.58 15.79 -18.05
N LYS B 258 20.92 15.08 -19.10
CA LYS B 258 21.08 15.69 -20.41
C LYS B 258 19.82 15.61 -21.24
N VAL B 259 18.96 14.60 -21.01
CA VAL B 259 17.86 14.25 -21.91
C VAL B 259 16.68 13.75 -21.07
N LEU B 260 15.47 14.03 -21.50
CA LEU B 260 14.32 13.48 -20.79
C LEU B 260 13.25 13.04 -21.78
N CYS B 261 12.67 11.87 -21.53
CA CYS B 261 11.79 11.21 -22.48
C CYS B 261 10.40 11.03 -21.94
N LEU B 262 9.42 11.29 -22.79
CA LEU B 262 8.02 11.16 -22.44
C LEU B 262 7.37 10.25 -23.45
N CYS B 263 6.65 9.24 -22.98
CA CYS B 263 6.21 8.20 -23.88
C CYS B 263 4.70 8.04 -23.93
N SER B 264 3.96 8.89 -23.26
CA SER B 264 2.55 8.63 -23.06
C SER B 264 1.76 8.67 -24.36
N PHE B 265 0.65 7.94 -24.34
CA PHE B 265 -0.25 7.88 -25.47
C PHE B 265 -1.18 9.07 -25.52
N VAL B 266 -1.75 9.46 -24.38
CA VAL B 266 -2.56 10.66 -24.30
C VAL B 266 -2.14 11.43 -23.04
N GLU B 267 -2.00 12.75 -23.20
CA GLU B 267 -1.72 13.68 -22.12
C GLU B 267 -2.42 15.00 -22.41
N GLY B 268 -2.45 15.86 -21.39
CA GLY B 268 -2.90 17.22 -21.52
C GLY B 268 -1.68 18.15 -21.68
N LEU B 269 -1.16 18.58 -20.53
CA LEU B 269 0.02 19.45 -20.52
C LEU B 269 1.00 18.92 -19.49
N PRO B 270 1.81 17.92 -19.85
CA PRO B 270 2.63 17.25 -18.84
C PRO B 270 3.66 18.21 -18.27
N THR B 271 3.74 18.26 -16.94
CA THR B 271 4.67 19.20 -16.33
C THR B 271 6.12 18.72 -16.45
N VAL B 272 6.36 17.42 -16.61
CA VAL B 272 7.73 16.98 -16.86
C VAL B 272 8.28 17.65 -18.10
N LEU B 273 7.44 17.89 -19.12
CA LEU B 273 7.89 18.64 -20.28
C LEU B 273 7.99 20.15 -20.02
N ILE B 274 7.41 20.65 -18.94
CA ILE B 274 7.50 22.06 -18.61
C ILE B 274 8.66 22.32 -17.67
N GLU B 275 8.81 21.47 -16.66
CA GLU B 275 9.88 21.65 -15.68
C GLU B 275 11.24 21.65 -16.34
N SER B 276 11.44 20.77 -17.33
CA SER B 276 12.72 20.65 -17.99
C SER B 276 13.15 21.96 -18.62
N LEU B 277 12.19 22.80 -19.02
CA LEU B 277 12.51 24.07 -19.65
C LEU B 277 13.48 24.89 -18.82
N TYR B 278 13.53 24.64 -17.52
CA TYR B 278 14.32 25.45 -16.62
C TYR B 278 15.65 24.82 -16.32
N PHE B 279 15.99 23.73 -16.98
CA PHE B 279 17.17 22.98 -16.56
C PHE B 279 18.09 22.56 -17.70
N GLU B 280 17.96 23.14 -18.89
CA GLU B 280 18.79 22.74 -19.99
C GLU B 280 18.73 21.24 -20.26
N VAL B 281 17.66 20.60 -19.80
CA VAL B 281 17.31 19.23 -20.20
C VAL B 281 16.68 19.27 -21.58
N CYS B 282 17.14 18.38 -22.45
CA CYS B 282 16.56 18.25 -23.78
C CYS B 282 15.38 17.28 -23.75
N ARG B 283 14.24 17.74 -24.24
CA ARG B 283 13.02 16.96 -24.17
C ARG B 283 12.86 16.10 -25.41
N ILE B 284 12.42 14.87 -25.21
CA ILE B 284 11.92 14.04 -26.29
C ILE B 284 10.60 13.47 -25.83
N SER B 285 9.61 13.52 -26.72
CA SER B 285 8.27 13.12 -26.34
C SER B 285 7.58 12.46 -27.51
N SER B 286 6.82 11.43 -27.19
CA SER B 286 5.91 10.90 -28.17
C SER B 286 4.97 12.01 -28.59
N SER B 287 4.56 11.99 -29.85
CA SER B 287 3.52 12.92 -30.24
C SER B 287 2.19 12.48 -29.64
N TYR B 288 2.09 12.56 -28.31
CA TYR B 288 0.97 12.04 -27.53
C TYR B 288 -0.32 12.71 -27.98
N TYR B 289 -1.44 12.37 -27.34
CA TYR B 289 -2.69 12.80 -27.93
C TYR B 289 -2.85 14.30 -27.81
N ASN B 290 -2.95 14.94 -28.99
CA ASN B 290 -3.51 16.28 -29.17
C ASN B 290 -2.53 17.39 -28.86
N GLY B 291 -2.24 17.58 -27.58
CA GLY B 291 -1.54 18.80 -27.22
C GLY B 291 -0.05 18.68 -27.34
N ALA B 292 0.41 17.64 -28.01
CA ALA B 292 1.83 17.37 -28.06
C ALA B 292 2.58 18.53 -28.70
N LYS B 293 2.11 18.99 -29.86
CA LYS B 293 2.85 20.03 -30.57
C LYS B 293 2.72 21.38 -29.87
N ASP B 294 1.65 21.57 -29.08
CA ASP B 294 1.50 22.81 -28.33
C ASP B 294 2.75 23.12 -27.54
N LEU B 295 3.54 22.09 -27.21
CA LEU B 295 4.66 22.20 -26.27
C LEU B 295 6.03 22.07 -26.91
N ILE B 296 6.13 21.45 -28.08
CA ILE B 296 7.45 21.14 -28.59
C ILE B 296 7.49 21.40 -30.08
N LYS B 297 8.06 22.54 -30.49
CA LYS B 297 8.38 22.75 -31.89
C LYS B 297 9.48 21.79 -32.33
N ASP B 298 9.10 20.64 -32.90
CA ASP B 298 10.07 19.60 -33.27
C ASP B 298 11.21 20.15 -34.10
N ASN B 299 12.44 19.82 -33.70
CA ASN B 299 13.73 20.18 -34.28
C ASN B 299 14.13 21.62 -34.01
N HIS B 300 13.35 22.38 -33.26
CA HIS B 300 13.72 23.72 -32.83
C HIS B 300 14.06 23.75 -31.35
N ASP B 301 13.18 23.20 -30.50
CA ASP B 301 13.40 23.13 -29.06
C ASP B 301 12.93 21.80 -28.46
N GLY B 302 13.02 20.71 -29.21
CA GLY B 302 12.63 19.42 -28.69
C GLY B 302 12.58 18.43 -29.83
N LEU B 303 12.28 17.19 -29.49
CA LEU B 303 12.22 16.14 -30.50
C LEU B 303 10.96 15.32 -30.28
N LEU B 304 10.22 15.09 -31.34
CA LEU B 304 8.95 14.37 -31.29
C LEU B 304 9.07 13.05 -32.03
N VAL B 305 8.57 12.00 -31.41
CA VAL B 305 8.53 10.72 -32.06
C VAL B 305 7.06 10.38 -32.22
N GLY B 306 6.76 9.51 -33.18
CA GLY B 306 5.42 8.96 -33.27
C GLY B 306 5.02 8.27 -31.98
N CYS B 307 3.72 8.12 -31.77
CA CYS B 307 3.27 7.41 -30.58
C CYS B 307 3.69 5.94 -30.62
N ASP B 308 4.52 5.54 -29.65
CA ASP B 308 4.96 4.15 -29.42
C ASP B 308 5.90 3.63 -30.51
N ASP B 309 6.96 4.39 -30.79
CA ASP B 309 7.96 4.01 -31.79
C ASP B 309 9.31 3.82 -31.10
N GLU B 310 9.60 2.60 -30.61
CA GLU B 310 10.84 2.37 -29.84
C GLU B 310 12.08 2.72 -30.66
N ILE B 311 12.00 2.58 -31.99
CA ILE B 311 13.15 2.85 -32.86
C ILE B 311 13.28 4.33 -33.13
N ALA B 312 12.21 4.97 -33.59
CA ALA B 312 12.20 6.43 -33.68
C ALA B 312 12.89 7.07 -32.47
N LEU B 313 12.52 6.68 -31.25
CA LEU B 313 13.16 7.21 -30.05
C LEU B 313 14.68 6.99 -30.06
N ALA B 314 15.13 5.75 -30.31
CA ALA B 314 16.54 5.46 -30.18
C ALA B 314 17.36 6.28 -31.17
N LYS B 315 16.83 6.51 -32.37
CA LYS B 315 17.52 7.35 -33.35
C LYS B 315 17.64 8.78 -32.83
N LYS B 316 16.54 9.34 -32.32
CA LYS B 316 16.58 10.70 -31.79
C LYS B 316 17.53 10.79 -30.62
N LEU B 317 17.45 9.82 -29.75
CA LEU B 317 18.34 9.83 -28.64
C LEU B 317 19.74 9.85 -29.19
N GLU B 318 20.14 8.77 -29.80
CA GLU B 318 21.51 8.65 -30.29
C GLU B 318 21.93 9.91 -31.04
N LEU B 319 20.96 10.60 -31.62
CA LEU B 319 21.23 11.85 -32.33
C LEU B 319 21.75 12.93 -31.40
N VAL B 320 20.97 13.26 -30.38
CA VAL B 320 21.36 14.25 -29.40
C VAL B 320 22.66 13.84 -28.71
N LEU B 321 22.71 12.62 -28.20
CA LEU B 321 23.81 12.23 -27.32
C LEU B 321 25.13 12.14 -28.04
N ASN B 322 25.11 11.97 -29.36
CA ASN B 322 26.34 12.01 -30.15
C ASN B 322 26.65 13.41 -30.65
N ASP B 323 26.05 14.43 -30.04
CA ASP B 323 26.08 15.76 -30.63
C ASP B 323 25.70 16.82 -29.62
N GLU B 324 26.64 17.18 -28.74
CA GLU B 324 26.31 18.10 -27.65
C GLU B 324 25.92 19.46 -28.18
N ASN B 325 26.62 19.95 -29.19
CA ASN B 325 26.28 21.24 -29.76
C ASN B 325 24.88 21.24 -30.35
N PHE B 326 24.33 20.07 -30.60
CA PHE B 326 22.94 20.07 -31.05
C PHE B 326 21.98 20.11 -29.87
N ARG B 327 22.19 19.32 -28.84
CA ARG B 327 21.34 19.43 -27.70
C ARG B 327 21.47 20.83 -27.20
N LYS B 328 22.68 21.35 -27.06
CA LYS B 328 22.85 22.72 -26.60
C LYS B 328 21.98 23.70 -27.38
N GLU B 329 21.73 23.43 -28.66
CA GLU B 329 20.93 24.34 -29.48
C GLU B 329 19.44 24.21 -29.21
N LEU B 330 18.94 22.98 -29.24
CA LEU B 330 17.55 22.69 -28.91
C LEU B 330 17.09 23.41 -27.67
N VAL B 331 17.87 23.32 -26.61
CA VAL B 331 17.39 23.81 -25.33
C VAL B 331 17.38 25.33 -25.29
N ASN B 332 18.39 25.98 -25.89
CA ASN B 332 18.40 27.43 -25.83
C ASN B 332 17.20 28.00 -26.57
N ASN B 333 16.78 27.33 -27.64
CA ASN B 333 15.50 27.72 -28.21
C ASN B 333 14.34 27.37 -27.30
N ALA B 334 14.49 26.41 -26.37
CA ALA B 334 13.42 26.02 -25.45
C ALA B 334 13.30 26.98 -24.26
N LYS B 335 14.39 27.65 -23.86
CA LYS B 335 14.29 28.68 -22.83
C LYS B 335 13.26 29.74 -23.17
N GLN B 336 12.98 29.98 -24.45
CA GLN B 336 11.92 30.89 -24.82
C GLN B 336 10.63 30.55 -24.09
N ARG B 337 10.30 29.27 -23.99
CA ARG B 337 9.02 28.89 -23.42
C ARG B 337 8.92 29.13 -21.91
N CYS B 338 10.02 29.46 -21.23
CA CYS B 338 10.01 29.53 -19.77
C CYS B 338 8.92 30.47 -19.26
N LYS B 339 8.71 31.59 -19.97
CA LYS B 339 7.80 32.62 -19.48
C LYS B 339 6.37 32.12 -19.37
N ASP B 340 5.98 31.27 -20.30
CA ASP B 340 4.62 30.73 -20.38
C ASP B 340 4.18 29.81 -19.25
N PHE B 341 5.00 29.70 -18.20
CA PHE B 341 4.64 28.84 -17.08
C PHE B 341 5.04 29.46 -15.75
N GLU B 342 5.31 30.76 -15.76
CA GLU B 342 5.60 31.49 -14.54
C GLU B 342 4.34 31.63 -13.69
N ILE B 343 4.47 31.32 -12.41
CA ILE B 343 3.35 31.39 -11.48
C ILE B 343 2.80 32.81 -11.41
N SER B 344 3.70 33.79 -11.42
CA SER B 344 3.31 35.20 -11.29
C SER B 344 2.19 35.54 -12.24
N ASN B 345 2.34 35.19 -13.50
CA ASN B 345 1.33 35.49 -14.49
C ASN B 345 0.13 34.55 -14.31
N ILE B 346 0.40 33.24 -14.14
CA ILE B 346 -0.67 32.22 -14.04
C ILE B 346 -1.54 32.45 -12.81
N LYS B 347 -0.94 32.88 -11.70
CA LYS B 347 -1.75 33.12 -10.51
C LYS B 347 -2.79 34.20 -10.77
N GLU B 348 -2.39 35.26 -11.49
CA GLU B 348 -3.29 36.38 -11.67
C GLU B 348 -4.49 36.03 -12.54
N GLU B 349 -4.40 35.04 -13.44
CA GLU B 349 -5.58 34.62 -14.20
C GLU B 349 -6.53 33.72 -13.40
N TRP B 350 -5.99 32.85 -12.54
CA TRP B 350 -6.85 32.16 -11.58
C TRP B 350 -7.62 33.18 -10.75
N LEU B 351 -6.90 34.16 -10.22
CA LEU B 351 -7.52 35.23 -9.44
C LEU B 351 -8.53 36.01 -10.29
N LYS B 352 -8.19 36.29 -11.54
CA LYS B 352 -9.14 36.95 -12.43
C LYS B 352 -10.39 36.09 -12.61
N LEU B 353 -10.21 34.79 -12.82
CA LEU B 353 -11.35 33.88 -12.97
C LEU B 353 -12.19 33.78 -11.70
N ILE B 354 -11.54 33.72 -10.53
CA ILE B 354 -12.26 33.65 -9.26
C ILE B 354 -13.12 34.88 -9.08
N VAL B 355 -12.68 36.02 -9.61
CA VAL B 355 -13.47 37.23 -9.41
C VAL B 355 -14.71 37.20 -10.30
N GLU B 356 -14.52 36.95 -11.59
CA GLU B 356 -15.67 36.98 -12.47
C GLU B 356 -16.68 35.92 -12.07
N VAL B 357 -16.22 34.78 -11.54
CA VAL B 357 -17.15 33.76 -11.07
C VAL B 357 -17.87 34.22 -9.82
N LYS B 358 -17.18 34.92 -8.92
CA LYS B 358 -17.76 35.45 -7.70
C LYS B 358 -18.76 36.56 -7.97
N ASN B 359 -18.93 36.98 -9.23
CA ASN B 359 -19.91 37.98 -9.62
C ASN B 359 -21.05 37.27 -10.36
N ALA B 360 -22.18 37.11 -9.63
CA ALA B 360 -23.54 36.69 -10.04
C ALA B 360 -24.02 35.64 -9.04
C1 NDG C . 7.60 -3.58 8.55
C2 NDG C . 6.71 -4.77 8.54
C3 NDG C . 6.32 -5.31 9.86
C4 NDG C . 7.41 -5.32 10.86
C5 NDG C . 8.36 -4.08 10.90
C6 NDG C . 9.52 -4.39 11.65
C7 NDG C . 5.43 -4.55 6.29
C8 NDG C . 6.65 -5.08 5.54
O5 NDG C . 8.75 -3.74 9.44
O3 NDG C . 6.09 -6.76 9.57
O4 NDG C . 6.84 -5.42 12.17
O6 NDG C . 10.44 -3.33 11.56
O7 NDG C . 4.46 -4.27 5.67
N2 NDG C . 5.46 -4.41 7.74
O5 A2G C . 4.64 -8.37 8.99
C1 A2G C . 4.90 -7.30 9.99
C2 A2G C . 5.08 -7.97 11.36
N2 A2G C . 5.29 -7.03 12.52
C3 A2G C . 6.21 -8.94 11.30
O3 A2G C . 6.44 -9.50 12.62
C4 A2G C . 5.95 -10.02 10.30
O4 A2G C . 4.77 -10.76 10.70
C5 A2G C . 5.76 -9.32 8.95
C6 A2G C . 5.58 -10.32 7.83
O6 A2G C . 5.22 -9.28 6.56
C7 A2G C . 4.20 -6.37 13.28
O7 A2G C . 3.05 -6.53 13.00
C8 A2G C . 4.58 -5.46 14.46
O5 A2G C . 5.79 -12.62 11.85
C1 A2G C . 4.90 -12.18 10.75
C2 A2G C . 3.53 -12.79 10.76
N2 A2G C . 2.65 -11.95 9.81
C3 A2G C . 2.92 -12.90 12.09
O3 A2G C . 1.83 -13.89 12.05
C4 A2G C . 3.84 -13.38 13.14
O4 A2G C . 4.26 -14.68 12.78
C5 A2G C . 5.18 -12.62 13.27
C6 A2G C . 6.01 -13.40 14.10
O6 A2G C . 6.58 -12.63 15.12
C7 A2G C . 2.46 -12.29 8.38
O7 A2G C . 2.97 -13.25 7.92
C8 A2G C . 1.58 -11.40 7.50
C1 NDG D . -8.32 5.75 -6.36
C2 NDG D . -7.20 6.60 -6.83
C3 NDG D . -7.58 8.02 -6.94
C4 NDG D . -8.88 8.28 -7.57
C5 NDG D . -9.88 7.12 -7.78
C6 NDG D . -10.17 7.15 -9.16
C7 NDG D . -4.95 5.39 -6.38
C8 NDG D . -5.20 4.47 -7.56
O5 NDG D . -9.27 5.74 -7.47
O3 NDG D . -6.65 8.45 -8.03
O4 NDG D . -9.57 9.21 -6.72
O6 NDG D . -11.55 7.26 -9.36
O7 NDG D . -3.97 5.25 -5.74
N2 NDG D . -5.92 6.43 -6.00
O5 A2G D . -4.84 9.58 -8.42
C1 A2G D . -6.28 9.76 -8.11
C2 A2G D . -6.93 10.41 -9.34
N2 A2G D . -8.37 10.76 -9.20
C3 A2G D . -6.86 9.52 -10.51
O3 A2G D . -7.61 10.12 -11.61
C4 A2G D . -5.41 9.30 -10.81
O4 A2G D . -4.83 10.60 -10.96
C5 A2G D . -4.82 8.64 -9.56
C6 A2G D . -3.45 8.09 -9.80
O6 A2G D . -3.50 6.98 -8.59
C7 A2G D . -8.82 11.96 -8.49
O7 A2G D . -8.03 12.69 -7.99
C8 A2G D . -10.34 12.21 -8.43
O5 A2G D . -4.74 10.90 -13.31
C1 A2G D . -3.96 10.69 -12.07
C2 A2G D . -2.91 11.72 -11.75
N2 A2G D . -2.80 11.79 -10.22
C3 A2G D . -3.16 13.08 -12.28
O3 A2G D . -1.90 13.87 -12.34
C4 A2G D . -3.74 13.06 -13.64
O4 A2G D . -2.88 12.31 -14.50
C5 A2G D . -5.11 12.36 -13.62
C6 A2G D . -5.73 12.47 -14.89
O6 A2G D . -7.08 12.80 -14.73
C7 A2G D . -1.83 10.98 -9.46
O7 A2G D . -1.09 10.24 -10.05
C8 A2G D . -1.75 11.08 -7.93
C1' UDN E . 2.76 -16.67 13.77
C2' UDN E . 3.82 -17.43 14.56
C3' UDN E . 3.18 -18.61 15.27
C4' UDN E . 2.00 -18.25 16.13
C5' UDN E . 1.01 -17.37 15.39
C6' UDN E . -0.08 -16.88 16.29
C7' UDN E . 6.32 -17.65 13.85
C8' UDN E . 7.29 -18.12 12.76
N2' UDN E . 4.90 -17.83 13.59
CB UDN E . 2.34 -17.52 12.75
O3' UDN E . 4.15 -19.39 15.99
O4' UDN E . 2.41 -17.57 17.33
O5' UDN E . 1.68 -16.23 14.67
O6' UDN E . 0.37 -15.67 16.90
O7' UDN E . 6.73 -17.18 14.86
N1 UDN E . -3.84 -18.05 5.58
C2 UDN E . -4.82 -17.39 4.90
N3 UDN E . -4.81 -17.39 3.55
C4 UDN E . -3.87 -18.04 2.88
C5 UDN E . -2.85 -18.73 3.56
C6 UDN E . -2.87 -18.71 4.93
O2 UDN E . -5.70 -16.80 5.49
O4 UDN E . -3.88 -18.06 1.68
C1D UDN E . -3.82 -18.06 7.06
C2D UDN E . -4.36 -19.08 7.90
O2' UDN E . -5.69 -19.41 7.99
C3D UDN E . -3.62 -19.02 9.06
C4D UDN E . -2.26 -18.41 8.67
O4D UDN E . -2.85 -17.46 7.69
O3D UDN E . -4.31 -19.06 10.32
C5D UDN E . -1.42 -18.09 9.57
O5D UDN E . -1.35 -18.97 10.49
PA UDN E . 0.13 -19.20 11.14
O1A UDN E . 0.04 -19.41 12.60
O2A UDN E . 0.78 -20.39 10.57
O3A UDN E . 0.86 -17.79 10.57
PB UDN E . 2.29 -17.20 11.11
O1B UDN E . 2.33 -15.79 10.78
O2B UDN E . 3.46 -17.68 10.40
O34 BUE F . 7.05 -0.93 6.66
P35 BUE F . 7.53 -0.99 8.06
O36 BUE F . 6.91 -2.36 8.79
O37 BUE F . 8.96 -1.15 7.74
O38 BUE F . 7.24 0.48 8.85
P39 BUE F . 7.52 0.97 10.45
O40 BUE F . 8.90 1.37 10.71
O41 BUE F . 6.89 2.26 10.71
O42 BUE F . 6.95 -0.16 11.53
C43 BUE F . 6.61 0.26 12.82
C44 BUE F . 7.91 0.54 13.56
C1' UDN G . -1.30 14.50 -15.45
C2' UDN G . -1.73 14.50 -16.90
C3' UDN G . -1.02 15.55 -17.71
C4' UDN G . -1.06 16.88 -17.09
C5' UDN G . -0.65 16.87 -15.65
C6' UDN G . -0.97 18.19 -15.10
C7' UDN G . -2.32 12.36 -18.09
C8' UDN G . -1.88 10.99 -18.59
N2' UDN G . -1.37 13.16 -17.41
CB UDN G . 0.01 14.07 -15.50
O3' UDN G . -1.68 15.66 -18.97
O4' UDN G . -2.42 17.33 -17.12
O5' UDN G . -1.40 15.84 -14.86
O6' UDN G . -2.39 18.21 -15.03
O7' UDN G . -3.44 12.74 -18.28
N1 UDN G . 7.40 13.51 -9.46
C2 UDN G . 8.07 13.73 -8.28
N3 UDN G . 8.86 12.77 -7.78
C4 UDN G . 9.01 11.61 -8.40
C5 UDN G . 8.37 11.36 -9.60
C6 UDN G . 7.54 12.36 -10.13
O2 UDN G . 7.97 14.78 -7.65
O4 UDN G . 9.74 10.79 -7.92
C1D UDN G . 6.55 14.56 -10.07
C2D UDN G . 7.10 15.57 -10.89
O2' UDN G . 8.00 16.47 -10.36
C3D UDN G . 6.07 15.98 -11.94
C4D UDN G . 5.21 14.70 -11.79
O4D UDN G . 5.31 14.43 -10.39
O3D UDN G . 5.77 17.24 -11.99
C5D UDN G . 3.95 14.61 -12.47
O5D UDN G . 3.99 15.44 -13.61
PA UDN G . 3.04 14.80 -14.80
O1A UDN G . 2.38 15.84 -15.58
O2A UDN G . 3.81 14.12 -15.83
O3A UDN G . 2.12 13.74 -13.87
PB UDN G . 0.72 13.00 -14.41
O1B UDN G . -0.16 12.60 -13.32
O2B UDN G . 0.97 11.70 -15.02
O34 BUE H . -11.00 4.77 -5.23
P35 BUE H . -10.15 5.59 -4.35
O36 BUE H . -8.91 6.34 -5.21
O37 BUE H . -9.59 4.56 -3.47
O38 BUE H . -11.05 6.71 -3.49
P39 BUE H . -12.72 6.91 -3.42
O40 BUE H . -13.13 7.54 -2.17
O41 BUE H . -13.45 5.65 -3.31
O42 BUE H . -13.23 7.80 -4.72
C43 BUE H . -12.45 8.87 -5.17
C44 BUE H . -13.01 10.12 -4.53
#